data_8CN5
#
_entry.id   8CN5
#
_cell.length_a   71.752
_cell.length_b   65.705
_cell.length_c   84.861
_cell.angle_alpha   90.00
_cell.angle_beta   102.11
_cell.angle_gamma   90.00
#
_symmetry.space_group_name_H-M   'P 1 21 1'
#
loop_
_entity.id
_entity.type
_entity.pdbx_description
1 polymer '3-oxoacyl-[acyl-carrier-protein] synthase 2'
2 non-polymer 'DIMETHYL SULFOXIDE'
3 non-polymer 'PHOSPHATE ION'
4 non-polymer 'propan-2-yl 1~{H}-pyrazole-3-carboxylate'
5 water water
#
_entity_poly.entity_id   1
_entity_poly.type   'polypeptide(L)'
_entity_poly.pdbx_seq_one_letter_code
;SRRRVVITGMGMLSPLGLDVPSSWEGILAGRSGIAPIEHMDLSAYSTRFGGSVKGFNVEEYLSAKEARKLDLFIQYGLAA
SFQAVRDSGLEVTDANRERIGVSMGSGIGGLTNIENNCRSLFEQGPRRISPFFVPGSIINMVSGFLSIHLGLQGPNYALT
TAQTTGTHSIGMAARNIAYGEADVMVAGGSEMAACGLGLGGFGAARALSTRNDEPTRASRPWDRDRDGFVLSDGSGALVL
EELEHARARGARIYAELVGFGMSGDAFHMTAPPEDGAGAARCMKNALRDAGLDPRQVDYINAHGTSTPAGDIAEIAAVKS
VFGEHAHALSMSSTKSMTGHLLGAAGAVEAIFSVLALRDQVAPPTINLDNPDEGCDLDLVAHEAKPRKIDVALSNSFGFG
GTNGTLVFRRFA
;
_entity_poly.pdbx_strand_id   B,A
#
# COMPACT_ATOMS: atom_id res chain seq x y z
N SER A 1 0.71 -21.19 -18.68
CA SER A 1 0.53 -19.95 -19.53
C SER A 1 -0.42 -18.99 -18.80
N ARG A 2 -0.04 -17.72 -18.71
CA ARG A 2 -0.86 -16.64 -18.11
C ARG A 2 -1.93 -16.21 -19.11
N ARG A 3 -2.99 -15.57 -18.63
CA ARG A 3 -3.96 -14.90 -19.55
C ARG A 3 -3.35 -13.57 -19.98
N ARG A 4 -3.82 -13.00 -21.09
CA ARG A 4 -3.36 -11.69 -21.60
C ARG A 4 -4.24 -10.56 -21.03
N VAL A 5 -3.64 -9.38 -20.87
CA VAL A 5 -4.24 -8.21 -20.17
C VAL A 5 -4.20 -7.00 -21.10
N VAL A 6 -5.36 -6.46 -21.38
CA VAL A 6 -5.51 -5.28 -22.29
C VAL A 6 -6.12 -4.10 -21.50
N ILE A 7 -5.92 -2.90 -22.03
CA ILE A 7 -6.44 -1.63 -21.46
C ILE A 7 -7.68 -1.22 -22.26
N THR A 8 -8.82 -1.10 -21.60
CA THR A 8 -10.13 -0.79 -22.26
C THR A 8 -10.74 0.52 -21.77
N GLY A 9 -10.14 1.17 -20.76
CA GLY A 9 -10.61 2.45 -20.22
C GLY A 9 -9.51 3.20 -19.49
N MET A 10 -9.53 4.52 -19.61
CA MET A 10 -8.54 5.41 -18.95
C MET A 10 -9.26 6.68 -18.45
N GLY A 11 -8.78 7.19 -17.31
CA GLY A 11 -9.32 8.39 -16.63
C GLY A 11 -8.20 9.17 -15.99
N MET A 12 -8.33 10.49 -15.92
CA MET A 12 -7.23 11.36 -15.44
C MET A 12 -7.75 12.71 -14.91
N LEU A 13 -7.13 13.20 -13.81
CA LEU A 13 -6.98 14.64 -13.50
C LEU A 13 -5.49 15.00 -13.53
N SER A 14 -5.12 16.10 -14.18
CA SER A 14 -3.69 16.52 -14.20
C SER A 14 -3.58 18.03 -14.24
N PRO A 15 -2.35 18.58 -14.09
CA PRO A 15 -2.17 20.03 -14.24
C PRO A 15 -2.45 20.53 -15.66
N LEU A 16 -2.61 19.63 -16.64
CA LEU A 16 -2.91 20.01 -18.04
C LEU A 16 -4.40 19.85 -18.39
N GLY A 17 -5.21 19.20 -17.54
CA GLY A 17 -6.63 19.02 -17.90
C GLY A 17 -7.41 18.16 -16.92
N LEU A 18 -8.74 18.23 -17.01
CA LEU A 18 -9.66 17.51 -16.10
C LEU A 18 -10.05 16.16 -16.69
N ASP A 19 -9.48 15.76 -17.83
CA ASP A 19 -9.69 14.39 -18.39
C ASP A 19 -8.48 13.96 -19.22
N VAL A 20 -8.56 12.82 -19.89
CA VAL A 20 -7.39 12.31 -20.66
C VAL A 20 -7.19 13.15 -21.93
N PRO A 21 -8.23 13.34 -22.76
CA PRO A 21 -8.07 14.05 -24.05
C PRO A 21 -7.51 15.48 -23.85
N SER A 22 -8.07 16.23 -22.90
CA SER A 22 -7.56 17.58 -22.61
C SER A 22 -6.09 17.46 -22.19
N SER A 23 -5.76 16.55 -21.26
CA SER A 23 -4.37 16.35 -20.80
C SER A 23 -3.45 16.05 -21.99
N TRP A 24 -3.81 15.03 -22.78
CA TRP A 24 -2.98 14.58 -23.92
C TRP A 24 -2.79 15.70 -24.95
N GLU A 25 -3.81 16.52 -25.19
CA GLU A 25 -3.69 17.69 -26.10
C GLU A 25 -2.59 18.64 -25.57
N GLY A 26 -2.53 18.84 -24.24
CA GLY A 26 -1.49 19.68 -23.62
C GLY A 26 -0.11 19.08 -23.76
N ILE A 27 0.02 17.77 -23.51
CA ILE A 27 1.27 16.97 -23.70
C ILE A 27 1.78 17.17 -25.15
N LEU A 28 0.93 16.96 -26.15
CA LEU A 28 1.41 16.98 -27.56
C LEU A 28 1.72 18.43 -27.96
N ALA A 29 1.09 19.43 -27.33
CA ALA A 29 1.31 20.87 -27.64
C ALA A 29 2.58 21.40 -26.95
N GLY A 30 3.13 20.68 -25.98
CA GLY A 30 4.30 21.16 -25.22
C GLY A 30 3.91 22.17 -24.16
N ARG A 31 2.66 22.19 -23.68
CA ARG A 31 2.18 23.18 -22.70
CA ARG A 31 2.15 23.17 -22.69
C ARG A 31 2.67 22.79 -21.29
N SER A 32 2.98 23.78 -20.46
CA SER A 32 3.32 23.57 -19.03
C SER A 32 2.06 23.74 -18.19
N GLY A 33 1.88 22.92 -17.16
CA GLY A 33 0.78 23.09 -16.20
C GLY A 33 1.23 23.68 -14.89
N ILE A 34 2.46 24.23 -14.83
CA ILE A 34 3.10 24.69 -13.55
C ILE A 34 2.82 26.20 -13.41
N ALA A 35 2.41 26.62 -12.21
CA ALA A 35 2.09 28.03 -11.89
C ALA A 35 2.29 28.25 -10.41
N PRO A 36 2.39 29.53 -9.97
CA PRO A 36 2.41 29.83 -8.55
C PRO A 36 1.14 29.25 -7.92
N ILE A 37 1.29 28.60 -6.78
CA ILE A 37 0.18 28.05 -5.97
C ILE A 37 -0.63 29.20 -5.36
N GLU A 38 -1.96 29.09 -5.44
CA GLU A 38 -2.91 30.16 -5.04
C GLU A 38 -3.64 29.78 -3.76
N HIS A 39 -3.63 28.52 -3.37
CA HIS A 39 -4.56 28.02 -2.32
C HIS A 39 -3.94 28.12 -0.92
N MET A 40 -2.85 28.89 -0.71
CA MET A 40 -2.22 29.03 0.63
C MET A 40 -1.15 30.13 0.67
N ASP A 41 -0.77 30.58 1.87
CA ASP A 41 0.29 31.61 2.07
C ASP A 41 1.67 30.91 2.11
N LEU A 42 2.46 31.02 1.03
CA LEU A 42 3.78 30.34 0.90
C LEU A 42 4.93 31.33 1.11
N SER A 43 4.72 32.44 1.82
CA SER A 43 5.77 33.48 2.05
C SER A 43 7.04 32.84 2.66
N ALA A 44 6.87 31.97 3.66
CA ALA A 44 7.99 31.39 4.45
C ALA A 44 8.66 30.20 3.77
N TYR A 45 8.24 29.81 2.56
CA TYR A 45 8.60 28.54 1.87
C TYR A 45 9.59 28.88 0.76
N SER A 46 10.53 27.98 0.45
CA SER A 46 11.58 28.22 -0.58
C SER A 46 11.05 27.89 -2.00
N THR A 47 9.90 27.19 -2.10
CA THR A 47 9.20 26.89 -3.38
C THR A 47 7.75 27.41 -3.30
N ARG A 48 7.29 28.15 -4.31
CA ARG A 48 5.98 28.84 -4.26
C ARG A 48 5.07 28.44 -5.44
N PHE A 49 5.48 27.44 -6.21
CA PHE A 49 4.80 27.01 -7.45
C PHE A 49 4.73 25.47 -7.46
N GLY A 50 3.87 24.94 -8.32
CA GLY A 50 3.72 23.50 -8.60
C GLY A 50 2.61 23.26 -9.61
N GLY A 51 2.24 21.99 -9.85
CA GLY A 51 1.16 21.63 -10.78
C GLY A 51 -0.13 21.40 -10.03
N SER A 52 -1.07 22.34 -10.08
CA SER A 52 -2.37 22.22 -9.38
C SER A 52 -3.41 21.75 -10.38
N VAL A 53 -4.42 21.03 -9.92
CA VAL A 53 -5.60 20.72 -10.77
C VAL A 53 -6.48 21.96 -10.75
N LYS A 54 -6.72 22.56 -11.92
CA LYS A 54 -7.47 23.83 -12.04
C LYS A 54 -8.92 23.52 -12.43
N GLY A 55 -9.89 24.00 -11.62
CA GLY A 55 -11.32 23.98 -12.00
C GLY A 55 -12.02 22.66 -11.67
N PHE A 56 -11.48 21.82 -10.79
CA PHE A 56 -12.11 20.50 -10.49
C PHE A 56 -13.45 20.70 -9.79
N ASN A 57 -14.47 19.97 -10.25
CA ASN A 57 -15.81 20.05 -9.65
C ASN A 57 -16.19 18.64 -9.16
N VAL A 58 -15.94 18.39 -7.87
CA VAL A 58 -16.24 17.07 -7.25
C VAL A 58 -17.73 16.75 -7.41
N GLU A 59 -18.61 17.75 -7.54
CA GLU A 59 -20.07 17.51 -7.58
C GLU A 59 -20.51 16.87 -8.91
N GLU A 60 -19.61 16.71 -9.88
CA GLU A 60 -19.86 15.87 -11.09
C GLU A 60 -19.82 14.39 -10.73
N TYR A 61 -19.26 14.04 -9.57
CA TYR A 61 -18.96 12.64 -9.17
C TYR A 61 -19.75 12.27 -7.92
N LEU A 62 -19.73 13.15 -6.92
CA LEU A 62 -20.34 12.94 -5.58
C LEU A 62 -21.24 14.12 -5.19
N SER A 63 -22.18 13.88 -4.26
CA SER A 63 -22.90 14.94 -3.50
C SER A 63 -21.91 15.76 -2.68
N ALA A 64 -22.22 17.02 -2.40
CA ALA A 64 -21.36 17.91 -1.58
C ALA A 64 -21.13 17.21 -0.23
N LYS A 65 -22.14 16.52 0.26
CA LYS A 65 -22.09 15.87 1.60
C LYS A 65 -21.12 14.68 1.59
N GLU A 66 -21.15 13.82 0.57
CA GLU A 66 -20.18 12.69 0.38
CA GLU A 66 -20.18 12.69 0.49
C GLU A 66 -18.76 13.26 0.31
N ALA A 67 -18.59 14.30 -0.51
CA ALA A 67 -17.27 14.91 -0.81
C ALA A 67 -16.65 15.53 0.44
N ARG A 68 -17.45 16.14 1.33
CA ARG A 68 -16.96 16.71 2.63
C ARG A 68 -16.30 15.62 3.48
N LYS A 69 -16.63 14.36 3.29
CA LYS A 69 -16.06 13.30 4.15
C LYS A 69 -14.64 12.90 3.68
N LEU A 70 -14.16 13.35 2.50
CA LEU A 70 -12.99 12.76 1.80
C LEU A 70 -11.91 13.80 1.51
N ASP A 71 -10.65 13.45 1.79
CA ASP A 71 -9.49 14.29 1.40
C ASP A 71 -9.46 14.48 -0.13
N LEU A 72 -8.81 15.55 -0.62
CA LEU A 72 -8.65 15.82 -2.06
C LEU A 72 -8.03 14.62 -2.77
N PHE A 73 -7.01 13.93 -2.23
CA PHE A 73 -6.34 12.84 -2.99
C PHE A 73 -7.40 11.75 -3.27
N ILE A 74 -8.34 11.55 -2.33
CA ILE A 74 -9.42 10.53 -2.51
C ILE A 74 -10.41 11.02 -3.58
N GLN A 75 -10.86 12.26 -3.51
CA GLN A 75 -11.72 12.88 -4.56
C GLN A 75 -11.06 12.72 -5.94
N TYR A 76 -9.76 13.01 -6.08
CA TYR A 76 -9.04 12.91 -7.39
C TYR A 76 -9.03 11.45 -7.90
N GLY A 77 -8.70 10.49 -7.04
CA GLY A 77 -8.67 9.06 -7.39
C GLY A 77 -10.04 8.56 -7.83
N LEU A 78 -11.09 8.93 -7.10
CA LEU A 78 -12.49 8.59 -7.47
C LEU A 78 -12.84 9.19 -8.84
N ALA A 79 -12.48 10.45 -9.11
CA ALA A 79 -12.78 11.11 -10.42
C ALA A 79 -12.10 10.34 -11.56
N ALA A 80 -10.80 10.00 -11.44
CA ALA A 80 -10.08 9.26 -12.49
C ALA A 80 -10.73 7.87 -12.66
N SER A 81 -11.09 7.21 -11.55
CA SER A 81 -11.69 5.86 -11.53
C SER A 81 -13.06 5.88 -12.24
N PHE A 82 -13.93 6.80 -11.88
CA PHE A 82 -15.28 6.87 -12.52
C PHE A 82 -15.12 7.16 -14.02
N GLN A 83 -14.17 8.00 -14.40
CA GLN A 83 -13.89 8.30 -15.83
C GLN A 83 -13.47 7.02 -16.55
N ALA A 84 -12.56 6.24 -15.96
CA ALA A 84 -11.99 5.06 -16.64
C ALA A 84 -13.11 4.02 -16.81
N VAL A 85 -13.92 3.79 -15.78
CA VAL A 85 -14.99 2.75 -15.87
C VAL A 85 -15.99 3.16 -16.98
N ARG A 86 -16.40 4.41 -16.99
CA ARG A 86 -17.29 4.99 -18.03
C ARG A 86 -16.64 4.81 -19.41
N ASP A 87 -15.35 5.09 -19.54
CA ASP A 87 -14.61 5.03 -20.82
C ASP A 87 -14.55 3.58 -21.34
N SER A 88 -14.55 2.57 -20.46
CA SER A 88 -14.46 1.11 -20.80
C SER A 88 -15.80 0.57 -21.31
N GLY A 89 -16.90 1.24 -21.02
CA GLY A 89 -18.27 0.77 -21.31
C GLY A 89 -18.66 -0.46 -20.49
N LEU A 90 -17.83 -0.92 -19.54
CA LEU A 90 -18.13 -2.14 -18.75
C LEU A 90 -19.49 -2.04 -18.02
N GLU A 91 -20.26 -3.13 -18.05
CA GLU A 91 -21.51 -3.31 -17.26
C GLU A 91 -21.24 -4.25 -16.08
N VAL A 92 -21.29 -3.72 -14.86
CA VAL A 92 -21.19 -4.53 -13.59
C VAL A 92 -22.53 -5.22 -13.31
N THR A 93 -22.52 -6.53 -13.11
CA THR A 93 -23.74 -7.36 -12.91
C THR A 93 -23.53 -8.30 -11.73
N ASP A 94 -24.62 -8.93 -11.27
CA ASP A 94 -24.55 -9.98 -10.24
C ASP A 94 -23.69 -11.13 -10.76
N ALA A 95 -23.63 -11.36 -12.07
CA ALA A 95 -22.85 -12.47 -12.68
C ALA A 95 -21.35 -12.15 -12.66
N ASN A 96 -20.93 -10.88 -12.63
CA ASN A 96 -19.48 -10.57 -12.77
C ASN A 96 -18.92 -9.75 -11.61
N ARG A 97 -19.73 -9.30 -10.63
CA ARG A 97 -19.24 -8.29 -9.65
C ARG A 97 -18.11 -8.90 -8.78
N GLU A 98 -18.03 -10.22 -8.62
CA GLU A 98 -16.97 -10.85 -7.77
C GLU A 98 -15.64 -10.97 -8.55
N ARG A 99 -15.65 -10.68 -9.86
CA ARG A 99 -14.47 -10.79 -10.75
C ARG A 99 -13.89 -9.39 -11.05
N ILE A 100 -14.43 -8.35 -10.44
CA ILE A 100 -14.03 -6.92 -10.68
C ILE A 100 -13.55 -6.32 -9.37
N GLY A 101 -12.27 -5.92 -9.34
CA GLY A 101 -11.60 -5.39 -8.14
C GLY A 101 -10.95 -4.06 -8.40
N VAL A 102 -10.27 -3.53 -7.39
CA VAL A 102 -9.68 -2.16 -7.41
CA VAL A 102 -9.65 -2.19 -7.49
C VAL A 102 -8.35 -2.15 -6.68
N SER A 103 -7.33 -1.56 -7.32
CA SER A 103 -6.02 -1.24 -6.72
C SER A 103 -5.64 0.19 -7.14
N MET A 104 -6.10 1.15 -6.34
CA MET A 104 -5.79 2.59 -6.49
C MET A 104 -4.95 2.98 -5.27
N GLY A 105 -3.76 3.55 -5.50
CA GLY A 105 -2.91 3.90 -4.35
C GLY A 105 -2.56 5.38 -4.27
N SER A 106 -1.66 5.67 -3.35
CA SER A 106 -1.10 7.02 -3.12
C SER A 106 0.27 6.90 -2.47
N GLY A 107 1.16 7.86 -2.74
CA GLY A 107 2.50 7.91 -2.12
C GLY A 107 2.44 8.46 -0.71
N ILE A 108 1.70 9.56 -0.53
CA ILE A 108 1.73 10.39 0.71
C ILE A 108 0.33 10.50 1.33
N GLY A 109 -0.73 10.20 0.58
CA GLY A 109 -2.10 10.11 1.14
C GLY A 109 -2.59 11.43 1.71
N GLY A 110 -3.19 11.38 2.89
CA GLY A 110 -4.14 12.40 3.38
C GLY A 110 -3.50 13.55 4.14
N LEU A 111 -2.45 14.15 3.58
CA LEU A 111 -1.58 15.17 4.23
C LEU A 111 -2.39 16.43 4.52
N THR A 112 -3.12 16.91 3.52
CA THR A 112 -3.97 18.11 3.63
C THR A 112 -4.94 17.92 4.77
N ASN A 113 -5.64 16.78 4.82
CA ASN A 113 -6.69 16.62 5.87
C ASN A 113 -6.04 16.53 7.25
N ILE A 114 -4.89 15.88 7.31
CA ILE A 114 -4.21 15.70 8.62
C ILE A 114 -3.77 17.08 9.08
N GLU A 115 -3.37 17.94 8.16
CA GLU A 115 -2.85 19.29 8.45
C GLU A 115 -3.99 20.15 8.97
N ASN A 116 -5.15 20.05 8.35
CA ASN A 116 -6.36 20.81 8.75
C ASN A 116 -6.85 20.33 10.11
N ASN A 117 -6.72 19.05 10.43
CA ASN A 117 -7.19 18.48 11.72
C ASN A 117 -6.16 18.84 12.82
N CYS A 118 -4.87 18.97 12.46
CA CYS A 118 -3.83 19.38 13.45
C CYS A 118 -4.12 20.80 13.94
N ARG A 119 -4.52 21.69 13.03
CA ARG A 119 -4.89 23.08 13.34
C ARG A 119 -5.93 23.03 14.46
N SER A 120 -7.07 22.34 14.25
CA SER A 120 -8.16 22.24 15.25
C SER A 120 -7.64 21.64 16.57
N LEU A 121 -6.83 20.58 16.54
CA LEU A 121 -6.36 19.83 17.75
C LEU A 121 -5.49 20.69 18.67
N PHE A 122 -4.59 21.51 18.10
CA PHE A 122 -3.69 22.40 18.88
C PHE A 122 -4.46 23.66 19.32
N GLU A 123 -5.29 24.24 18.41
CA GLU A 123 -6.12 25.45 18.67
C GLU A 123 -7.14 25.16 19.78
N GLN A 124 -8.00 24.14 19.59
CA GLN A 124 -9.26 23.94 20.37
C GLN A 124 -9.29 22.61 21.13
N GLY A 125 -8.34 21.68 20.91
CA GLY A 125 -8.35 20.33 21.53
C GLY A 125 -9.03 19.27 20.65
N PRO A 126 -9.06 17.99 21.07
CA PRO A 126 -9.55 16.89 20.24
C PRO A 126 -11.06 16.80 19.97
N ARG A 127 -11.90 17.52 20.73
CA ARG A 127 -13.37 17.50 20.55
C ARG A 127 -13.73 18.03 19.15
N ARG A 128 -12.81 18.73 18.48
CA ARG A 128 -13.09 19.42 17.18
C ARG A 128 -12.63 18.59 15.98
N ILE A 129 -12.05 17.40 16.22
CA ILE A 129 -11.63 16.49 15.11
C ILE A 129 -12.88 15.88 14.49
N SER A 130 -12.92 15.78 13.16
CA SER A 130 -14.03 15.18 12.40
C SER A 130 -14.20 13.69 12.69
N PRO A 131 -15.44 13.19 12.87
CA PRO A 131 -15.70 11.77 12.96
C PRO A 131 -15.23 10.96 11.74
N PHE A 132 -15.09 11.62 10.59
CA PHE A 132 -14.71 11.03 9.29
C PHE A 132 -13.21 11.20 9.06
N PHE A 133 -12.49 11.74 10.04
CA PHE A 133 -11.03 12.01 9.92
C PHE A 133 -10.26 10.76 9.46
N VAL A 134 -10.42 9.62 10.13
CA VAL A 134 -9.65 8.38 9.81
C VAL A 134 -10.12 7.82 8.46
N PRO A 135 -11.41 7.46 8.27
CA PRO A 135 -11.81 6.84 7.00
C PRO A 135 -11.68 7.82 5.82
N GLY A 136 -11.78 9.13 6.09
CA GLY A 136 -11.69 10.21 5.09
C GLY A 136 -10.25 10.55 4.68
N SER A 137 -9.22 9.94 5.30
CA SER A 137 -7.78 10.28 5.12
C SER A 137 -6.91 9.08 4.70
N ILE A 138 -7.40 7.85 4.84
CA ILE A 138 -6.54 6.65 4.69
C ILE A 138 -6.52 6.28 3.21
N ILE A 139 -5.38 5.77 2.78
CA ILE A 139 -5.01 5.57 1.34
C ILE A 139 -5.93 4.55 0.67
N ASN A 140 -6.47 3.54 1.39
CA ASN A 140 -7.31 2.50 0.74
C ASN A 140 -8.75 2.97 0.52
N MET A 141 -9.09 4.23 0.79
CA MET A 141 -10.51 4.69 0.68
C MET A 141 -10.86 5.06 -0.76
N VAL A 142 -9.91 5.23 -1.67
CA VAL A 142 -10.28 5.30 -3.12
C VAL A 142 -10.81 3.93 -3.56
N SER A 143 -10.06 2.85 -3.30
CA SER A 143 -10.48 1.45 -3.56
C SER A 143 -11.80 1.16 -2.82
N GLY A 144 -11.93 1.51 -1.53
CA GLY A 144 -13.12 1.19 -0.74
C GLY A 144 -14.35 1.96 -1.24
N PHE A 145 -14.25 3.27 -1.43
CA PHE A 145 -15.39 4.08 -1.91
C PHE A 145 -15.80 3.62 -3.32
N LEU A 146 -14.84 3.37 -4.22
CA LEU A 146 -15.17 2.97 -5.61
C LEU A 146 -15.93 1.63 -5.59
N SER A 147 -15.43 0.68 -4.81
CA SER A 147 -16.04 -0.65 -4.67
CA SER A 147 -16.03 -0.66 -4.61
C SER A 147 -17.48 -0.53 -4.11
N ILE A 148 -17.72 0.36 -3.14
CA ILE A 148 -19.07 0.55 -2.52
C ILE A 148 -19.97 1.20 -3.56
N HIS A 149 -19.53 2.25 -4.24
CA HIS A 149 -20.38 2.97 -5.22
C HIS A 149 -20.81 2.06 -6.40
N LEU A 150 -19.91 1.23 -6.92
CA LEU A 150 -20.12 0.48 -8.20
C LEU A 150 -20.49 -0.98 -7.92
N GLY A 151 -20.49 -1.44 -6.66
CA GLY A 151 -20.76 -2.85 -6.31
C GLY A 151 -19.64 -3.82 -6.68
N LEU A 152 -18.37 -3.42 -6.55
CA LEU A 152 -17.21 -4.29 -6.93
C LEU A 152 -16.83 -5.18 -5.75
N GLN A 153 -16.85 -6.51 -5.93
CA GLN A 153 -16.60 -7.46 -4.82
C GLN A 153 -15.32 -8.27 -5.07
N GLY A 154 -14.55 -7.96 -6.10
CA GLY A 154 -13.27 -8.65 -6.38
C GLY A 154 -12.14 -8.16 -5.47
N PRO A 155 -10.86 -8.51 -5.74
CA PRO A 155 -9.77 -8.07 -4.88
C PRO A 155 -9.78 -6.55 -4.71
N ASN A 156 -9.69 -6.11 -3.45
CA ASN A 156 -9.85 -4.70 -3.03
C ASN A 156 -8.64 -4.31 -2.18
N TYR A 157 -7.75 -3.49 -2.72
CA TYR A 157 -6.49 -3.16 -2.02
C TYR A 157 -5.90 -1.86 -2.54
N ALA A 158 -4.82 -1.42 -1.87
CA ALA A 158 -4.05 -0.23 -2.22
C ALA A 158 -2.55 -0.46 -1.97
N LEU A 159 -1.74 -0.03 -2.92
CA LEU A 159 -0.27 0.02 -2.77
C LEU A 159 0.13 1.43 -2.29
N THR A 160 1.24 1.51 -1.57
CA THR A 160 1.91 2.81 -1.29
C THR A 160 3.42 2.55 -1.42
N THR A 161 4.01 2.95 -2.54
CA THR A 161 5.45 2.80 -2.84
C THR A 161 5.99 4.16 -3.29
N ALA A 162 5.60 5.23 -2.56
CA ALA A 162 6.05 6.61 -2.81
C ALA A 162 5.85 6.96 -4.30
N GLN A 163 6.91 7.40 -4.97
CA GLN A 163 6.88 7.85 -6.39
C GLN A 163 6.69 6.66 -7.36
N THR A 164 6.68 5.41 -6.91
CA THR A 164 6.51 4.20 -7.79
C THR A 164 5.05 3.68 -7.70
N THR A 165 4.23 4.24 -6.81
CA THR A 165 2.86 3.72 -6.49
C THR A 165 2.05 3.39 -7.75
N GLY A 166 1.86 4.38 -8.62
CA GLY A 166 1.02 4.25 -9.83
C GLY A 166 1.45 3.10 -10.72
N THR A 167 2.75 2.93 -10.96
CA THR A 167 3.31 1.84 -11.79
C THR A 167 3.09 0.48 -11.10
N HIS A 168 3.42 0.36 -9.80
CA HIS A 168 3.25 -0.91 -9.06
C HIS A 168 1.76 -1.29 -9.00
N SER A 169 0.87 -0.31 -8.83
CA SER A 169 -0.57 -0.59 -8.66
C SER A 169 -1.07 -1.25 -9.95
N ILE A 170 -0.74 -0.67 -11.09
CA ILE A 170 -1.10 -1.18 -12.43
C ILE A 170 -0.50 -2.55 -12.67
N GLY A 171 0.81 -2.71 -12.44
CA GLY A 171 1.49 -3.99 -12.69
C GLY A 171 0.92 -5.12 -11.84
N MET A 172 0.69 -4.90 -10.56
CA MET A 172 0.15 -5.97 -9.67
C MET A 172 -1.32 -6.24 -9.98
N ALA A 173 -2.09 -5.23 -10.46
CA ALA A 173 -3.47 -5.46 -10.96
C ALA A 173 -3.45 -6.36 -12.22
N ALA A 174 -2.45 -6.17 -13.11
CA ALA A 174 -2.27 -7.03 -14.31
C ALA A 174 -1.97 -8.46 -13.86
N ARG A 175 -1.13 -8.65 -12.83
CA ARG A 175 -0.83 -10.00 -12.29
C ARG A 175 -2.13 -10.66 -11.81
N ASN A 176 -2.98 -9.93 -11.07
CA ASN A 176 -4.25 -10.48 -10.54
C ASN A 176 -5.01 -11.14 -11.67
N ILE A 177 -5.06 -10.45 -12.81
CA ILE A 177 -5.86 -10.88 -13.98
C ILE A 177 -5.14 -12.03 -14.68
N ALA A 178 -3.84 -11.90 -14.92
CA ALA A 178 -3.01 -12.90 -15.65
C ALA A 178 -3.16 -14.27 -14.96
N TYR A 179 -3.22 -14.32 -13.63
CA TYR A 179 -3.18 -15.58 -12.84
C TYR A 179 -4.57 -15.99 -12.38
N GLY A 180 -5.59 -15.31 -12.92
CA GLY A 180 -6.98 -15.75 -12.86
C GLY A 180 -7.68 -15.37 -11.57
N GLU A 181 -7.16 -14.41 -10.81
CA GLU A 181 -7.77 -13.99 -9.51
C GLU A 181 -8.89 -12.97 -9.77
N ALA A 182 -8.93 -12.38 -10.97
CA ALA A 182 -9.97 -11.38 -11.35
C ALA A 182 -9.99 -11.27 -12.87
N ASP A 183 -11.12 -10.81 -13.44
CA ASP A 183 -11.27 -10.58 -14.90
C ASP A 183 -11.07 -9.11 -15.23
N VAL A 184 -11.32 -8.21 -14.29
CA VAL A 184 -11.24 -6.75 -14.50
C VAL A 184 -10.66 -6.13 -13.25
N MET A 185 -9.80 -5.12 -13.40
CA MET A 185 -9.30 -4.33 -12.25
C MET A 185 -9.21 -2.87 -12.66
N VAL A 186 -9.63 -1.96 -11.78
CA VAL A 186 -9.36 -0.51 -11.93
C VAL A 186 -8.08 -0.23 -11.15
N ALA A 187 -7.03 0.30 -11.81
CA ALA A 187 -5.72 0.44 -11.14
C ALA A 187 -5.05 1.76 -11.51
N GLY A 188 -4.31 2.31 -10.57
CA GLY A 188 -3.59 3.58 -10.75
C GLY A 188 -3.32 4.26 -9.42
N GLY A 189 -3.27 5.60 -9.41
CA GLY A 189 -2.86 6.33 -8.21
C GLY A 189 -3.39 7.75 -8.21
N SER A 190 -3.35 8.39 -7.06
CA SER A 190 -3.78 9.78 -6.88
C SER A 190 -2.95 10.44 -5.80
N GLU A 191 -2.84 11.76 -5.88
CA GLU A 191 -1.95 12.55 -4.99
C GLU A 191 -2.40 14.01 -4.94
N MET A 192 -2.31 14.58 -3.74
CA MET A 192 -2.56 16.01 -3.49
C MET A 192 -1.74 16.33 -2.24
N ALA A 193 -0.43 16.52 -2.40
CA ALA A 193 0.49 16.83 -1.27
C ALA A 193 0.97 18.30 -1.36
N ALA A 194 0.25 19.23 -2.02
CA ALA A 194 0.55 20.69 -1.95
C ALA A 194 -0.12 21.26 -0.70
N CYS A 195 0.33 20.84 0.46
CA CYS A 195 0.01 21.49 1.75
C CYS A 195 1.36 21.92 2.32
N GLY A 196 1.38 22.51 3.51
CA GLY A 196 2.61 22.99 4.14
C GLY A 196 3.55 21.85 4.37
N LEU A 197 3.03 20.69 4.76
CA LEU A 197 3.87 19.54 5.14
C LEU A 197 4.50 18.94 3.87
N GLY A 198 3.81 19.05 2.74
CA GLY A 198 4.32 18.56 1.44
C GLY A 198 5.44 19.45 0.91
N LEU A 199 5.10 20.68 0.54
CA LEU A 199 6.07 21.68 0.04
C LEU A 199 7.15 21.90 1.10
N GLY A 200 6.75 21.99 2.37
CA GLY A 200 7.67 22.14 3.51
C GLY A 200 8.57 20.94 3.71
N GLY A 201 8.01 19.72 3.69
CA GLY A 201 8.74 18.45 3.85
C GLY A 201 9.77 18.24 2.77
N PHE A 202 9.36 18.34 1.50
CA PHE A 202 10.28 18.11 0.36
C PHE A 202 11.27 19.27 0.26
N GLY A 203 10.82 20.49 0.59
CA GLY A 203 11.65 21.71 0.68
C GLY A 203 12.77 21.55 1.70
N ALA A 204 12.47 21.01 2.88
CA ALA A 204 13.48 20.80 3.96
C ALA A 204 14.61 19.89 3.48
N ALA A 205 14.29 18.87 2.66
CA ALA A 205 15.24 17.88 2.09
C ALA A 205 15.96 18.47 0.90
N ARG A 206 15.61 19.70 0.48
CA ARG A 206 16.22 20.42 -0.66
C ARG A 206 15.95 19.66 -1.96
N ALA A 207 14.83 18.93 -2.04
CA ALA A 207 14.50 18.07 -3.20
C ALA A 207 13.87 18.88 -4.35
N LEU A 208 13.30 20.06 -4.07
CA LEU A 208 12.44 20.82 -5.02
C LEU A 208 13.26 21.88 -5.74
N SER A 209 12.96 22.07 -7.03
CA SER A 209 13.37 23.28 -7.79
C SER A 209 12.93 24.53 -7.02
N THR A 210 13.78 25.56 -6.96
CA THR A 210 13.39 26.88 -6.36
C THR A 210 13.37 27.99 -7.42
N ARG A 211 13.21 27.66 -8.69
CA ARG A 211 13.14 28.67 -9.78
C ARG A 211 11.77 29.40 -9.73
N ASN A 212 11.47 30.07 -8.61
CA ASN A 212 10.20 30.80 -8.36
C ASN A 212 9.94 31.88 -9.42
N ASP A 213 10.99 32.33 -10.11
CA ASP A 213 10.86 33.49 -11.04
C ASP A 213 10.32 32.99 -12.38
N GLU A 214 10.47 31.70 -12.70
CA GLU A 214 10.00 31.12 -14.00
C GLU A 214 9.47 29.70 -13.77
N PRO A 215 8.26 29.54 -13.18
CA PRO A 215 7.76 28.21 -12.82
C PRO A 215 7.68 27.23 -14.00
N THR A 216 7.38 27.70 -15.22
CA THR A 216 7.15 26.86 -16.42
C THR A 216 8.46 26.29 -16.98
N ARG A 217 9.60 26.86 -16.57
CA ARG A 217 10.93 26.36 -16.99
C ARG A 217 11.61 25.60 -15.84
N ALA A 218 10.94 25.43 -14.70
CA ALA A 218 11.59 24.81 -13.52
C ALA A 218 11.89 23.34 -13.79
N SER A 219 10.90 22.61 -14.33
CA SER A 219 11.01 21.17 -14.64
C SER A 219 11.73 21.02 -15.97
N ARG A 220 13.00 20.58 -15.96
CA ARG A 220 13.85 20.56 -17.18
C ARG A 220 14.73 19.32 -17.09
N PRO A 221 14.14 18.11 -17.24
CA PRO A 221 14.90 16.86 -17.19
C PRO A 221 16.06 16.82 -18.20
N TRP A 222 17.23 16.38 -17.70
CA TRP A 222 18.50 16.18 -18.43
C TRP A 222 19.15 17.50 -18.84
N ASP A 223 18.57 18.66 -18.50
CA ASP A 223 19.17 19.99 -18.78
C ASP A 223 20.22 20.32 -17.71
N ARG A 224 21.32 20.96 -18.12
CA ARG A 224 22.50 21.25 -17.25
C ARG A 224 22.09 22.18 -16.09
N ASP A 225 21.01 22.94 -16.20
CA ASP A 225 20.57 23.91 -15.14
C ASP A 225 19.41 23.40 -14.28
N ARG A 226 19.10 22.10 -14.31
CA ARG A 226 18.03 21.54 -13.45
C ARG A 226 18.43 21.73 -11.98
N ASP A 227 17.45 21.78 -11.08
CA ASP A 227 17.67 22.05 -9.64
C ASP A 227 16.62 21.34 -8.76
N GLY A 228 16.10 20.19 -9.19
CA GLY A 228 15.18 19.36 -8.39
C GLY A 228 13.79 19.29 -9.01
N PHE A 229 12.92 18.46 -8.46
CA PHE A 229 11.59 18.18 -9.08
C PHE A 229 10.55 19.25 -8.73
N VAL A 230 9.42 19.26 -9.46
CA VAL A 230 8.27 20.19 -9.28
C VAL A 230 7.10 19.36 -8.76
N LEU A 231 6.55 19.72 -7.61
CA LEU A 231 5.44 19.00 -6.96
C LEU A 231 4.12 19.25 -7.68
N SER A 232 3.39 18.17 -8.01
CA SER A 232 2.14 18.24 -8.80
C SER A 232 1.11 17.31 -8.22
N ASP A 233 -0.15 17.62 -8.52
CA ASP A 233 -1.36 16.97 -8.00
C ASP A 233 -2.10 16.28 -9.13
N GLY A 234 -2.96 15.32 -8.80
CA GLY A 234 -3.85 14.70 -9.80
C GLY A 234 -4.03 13.21 -9.61
N SER A 235 -4.43 12.53 -10.68
CA SER A 235 -4.79 11.10 -10.60
C SER A 235 -4.76 10.46 -11.98
N GLY A 236 -4.50 9.14 -12.04
CA GLY A 236 -4.67 8.30 -13.23
C GLY A 236 -5.32 6.97 -12.88
N ALA A 237 -6.24 6.47 -13.70
CA ALA A 237 -6.85 5.14 -13.50
C ALA A 237 -6.98 4.47 -14.87
N LEU A 238 -6.72 3.17 -14.86
CA LEU A 238 -6.88 2.39 -16.08
C LEU A 238 -7.74 1.16 -15.78
N VAL A 239 -8.69 0.88 -16.64
CA VAL A 239 -9.44 -0.40 -16.58
C VAL A 239 -8.56 -1.45 -17.27
N LEU A 240 -8.03 -2.38 -16.50
CA LEU A 240 -7.34 -3.58 -17.01
C LEU A 240 -8.39 -4.69 -17.16
N GLU A 241 -8.25 -5.51 -18.20
CA GLU A 241 -9.28 -6.54 -18.55
C GLU A 241 -8.62 -7.74 -19.25
N GLU A 242 -8.97 -8.94 -18.81
CA GLU A 242 -8.60 -10.20 -19.51
C GLU A 242 -9.02 -10.10 -21.00
N LEU A 243 -8.17 -10.58 -21.91
CA LEU A 243 -8.40 -10.37 -23.37
C LEU A 243 -9.73 -11.00 -23.83
N GLU A 244 -10.00 -12.24 -23.48
CA GLU A 244 -11.20 -12.97 -24.00
C GLU A 244 -12.48 -12.30 -23.47
N HIS A 245 -12.47 -11.84 -22.23
CA HIS A 245 -13.55 -11.01 -21.62
C HIS A 245 -13.75 -9.72 -22.41
N ALA A 246 -12.69 -9.00 -22.78
CA ALA A 246 -12.80 -7.74 -23.57
C ALA A 246 -13.41 -8.05 -24.94
N ARG A 247 -12.94 -9.10 -25.62
CA ARG A 247 -13.36 -9.44 -27.02
C ARG A 247 -14.84 -9.83 -27.04
N ALA A 248 -15.27 -10.57 -26.02
CA ALA A 248 -16.63 -11.15 -25.91
C ALA A 248 -17.67 -10.02 -25.85
N ARG A 249 -17.39 -8.90 -25.17
CA ARG A 249 -18.35 -7.78 -25.06
C ARG A 249 -18.07 -6.72 -26.14
N GLY A 250 -17.12 -6.95 -27.04
CA GLY A 250 -16.82 -5.96 -28.09
C GLY A 250 -16.15 -4.72 -27.54
N ALA A 251 -15.33 -4.83 -26.51
CA ALA A 251 -14.64 -3.66 -25.90
C ALA A 251 -13.69 -3.03 -26.91
N ARG A 252 -13.54 -1.71 -26.87
CA ARG A 252 -12.44 -0.97 -27.54
C ARG A 252 -11.14 -1.18 -26.74
N ILE A 253 -10.10 -1.71 -27.39
CA ILE A 253 -8.79 -2.05 -26.74
C ILE A 253 -7.75 -1.00 -27.17
N TYR A 254 -7.18 -0.25 -26.21
CA TYR A 254 -6.16 0.78 -26.54
C TYR A 254 -4.79 0.12 -26.81
N ALA A 255 -4.42 -0.86 -25.99
CA ALA A 255 -3.08 -1.49 -25.99
C ALA A 255 -3.11 -2.75 -25.12
N GLU A 256 -2.07 -3.54 -25.21
CA GLU A 256 -1.89 -4.76 -24.38
C GLU A 256 -0.77 -4.45 -23.37
N LEU A 257 -0.95 -4.90 -22.14
CA LEU A 257 0.07 -4.77 -21.09
C LEU A 257 0.83 -6.09 -21.08
N VAL A 258 2.04 -6.14 -21.66
CA VAL A 258 2.80 -7.39 -21.95
C VAL A 258 3.86 -7.67 -20.89
N GLY A 259 4.37 -6.65 -20.17
CA GLY A 259 5.47 -6.82 -19.19
C GLY A 259 5.36 -5.94 -17.95
N PHE A 260 5.82 -6.48 -16.83
CA PHE A 260 5.92 -5.78 -15.54
C PHE A 260 7.18 -6.28 -14.84
N GLY A 261 8.05 -5.34 -14.46
CA GLY A 261 9.23 -5.59 -13.63
C GLY A 261 9.19 -4.77 -12.36
N MET A 262 9.78 -5.34 -11.29
CA MET A 262 10.04 -4.72 -9.98
C MET A 262 11.51 -5.06 -9.62
N SER A 263 12.14 -4.17 -8.87
CA SER A 263 13.46 -4.37 -8.24
C SER A 263 13.60 -3.36 -7.09
N GLY A 264 14.52 -3.66 -6.18
CA GLY A 264 15.07 -2.73 -5.19
C GLY A 264 16.53 -2.42 -5.52
N ASP A 265 16.88 -1.14 -5.46
CA ASP A 265 18.27 -0.61 -5.43
C ASP A 265 19.04 -1.21 -4.23
N ALA A 266 18.38 -1.33 -3.07
CA ALA A 266 19.03 -1.58 -1.76
C ALA A 266 20.29 -0.68 -1.61
N PHE A 267 20.17 0.62 -1.86
CA PHE A 267 21.34 1.55 -1.89
C PHE A 267 21.18 2.68 -0.84
N HIS A 268 20.23 3.59 -1.02
CA HIS A 268 20.06 4.83 -0.22
C HIS A 268 18.58 5.14 -0.06
N MET A 269 18.22 5.95 0.93
CA MET A 269 16.80 6.25 1.27
C MET A 269 16.20 7.20 0.22
N THR A 270 17.02 8.05 -0.42
CA THR A 270 16.54 9.09 -1.39
C THR A 270 17.40 9.17 -2.66
N ALA A 271 18.66 8.73 -2.66
CA ALA A 271 19.57 8.85 -3.83
C ALA A 271 19.63 7.52 -4.59
N PRO A 272 19.68 7.53 -5.94
CA PRO A 272 19.95 6.33 -6.72
C PRO A 272 21.42 5.96 -6.79
N PRO A 273 21.83 4.72 -7.11
CA PRO A 273 23.22 4.44 -7.48
C PRO A 273 23.53 5.23 -8.77
N GLU A 274 24.76 5.73 -8.96
CA GLU A 274 25.04 6.67 -10.08
C GLU A 274 24.98 5.93 -11.43
N ASP A 275 25.20 4.62 -11.46
CA ASP A 275 25.06 3.76 -12.67
C ASP A 275 23.61 3.28 -12.86
N GLY A 276 22.71 3.59 -11.92
CA GLY A 276 21.29 3.21 -12.06
C GLY A 276 21.13 1.70 -12.16
N ALA A 277 21.92 0.93 -11.43
CA ALA A 277 21.92 -0.55 -11.50
C ALA A 277 20.54 -1.14 -11.20
N GLY A 278 19.77 -0.59 -10.25
CA GLY A 278 18.46 -1.17 -9.88
C GLY A 278 17.43 -0.95 -10.98
N ALA A 279 17.44 0.24 -11.57
CA ALA A 279 16.57 0.61 -12.71
C ALA A 279 16.87 -0.30 -13.91
N ALA A 280 18.15 -0.62 -14.15
CA ALA A 280 18.59 -1.57 -15.20
C ALA A 280 18.02 -2.97 -14.95
N ARG A 281 18.14 -3.52 -13.73
CA ARG A 281 17.58 -4.86 -13.40
C ARG A 281 16.07 -4.86 -13.62
N CYS A 282 15.41 -3.79 -13.22
CA CYS A 282 13.93 -3.65 -13.31
C CYS A 282 13.51 -3.73 -14.78
N MET A 283 14.16 -2.92 -15.63
CA MET A 283 13.77 -2.88 -17.07
C MET A 283 14.01 -4.26 -17.69
N LYS A 284 15.13 -4.93 -17.38
CA LYS A 284 15.43 -6.26 -17.93
C LYS A 284 14.38 -7.25 -17.43
N ASN A 285 14.01 -7.16 -16.15
CA ASN A 285 12.95 -8.00 -15.57
C ASN A 285 11.65 -7.77 -16.37
N ALA A 286 11.27 -6.52 -16.68
CA ALA A 286 10.01 -6.25 -17.42
C ALA A 286 10.08 -6.86 -18.84
N LEU A 287 11.23 -6.74 -19.50
CA LEU A 287 11.42 -7.27 -20.88
C LEU A 287 11.41 -8.81 -20.88
N ARG A 288 12.10 -9.47 -19.95
CA ARG A 288 12.04 -10.94 -19.83
C ARG A 288 10.60 -11.37 -19.57
N ASP A 289 9.88 -10.64 -18.72
CA ASP A 289 8.45 -10.92 -18.41
C ASP A 289 7.61 -10.89 -19.69
N ALA A 290 7.85 -9.93 -20.59
CA ALA A 290 7.14 -9.77 -21.88
C ALA A 290 7.69 -10.69 -23.00
N GLY A 291 8.79 -11.42 -22.79
CA GLY A 291 9.43 -12.22 -23.86
C GLY A 291 10.00 -11.33 -24.97
N LEU A 292 10.48 -10.14 -24.63
CA LEU A 292 10.98 -9.17 -25.65
C LEU A 292 12.50 -9.05 -25.59
N ASP A 293 13.10 -8.85 -26.76
CA ASP A 293 14.47 -8.35 -26.94
C ASP A 293 14.48 -6.85 -26.68
N PRO A 294 15.49 -6.32 -25.97
CA PRO A 294 15.64 -4.87 -25.86
C PRO A 294 15.47 -4.11 -27.19
N ARG A 295 15.92 -4.70 -28.30
CA ARG A 295 15.90 -4.04 -29.64
C ARG A 295 14.47 -3.76 -30.08
N GLN A 296 13.49 -4.41 -29.45
CA GLN A 296 12.06 -4.25 -29.83
C GLN A 296 11.45 -3.01 -29.18
N VAL A 297 12.14 -2.31 -28.28
CA VAL A 297 11.56 -1.11 -27.58
C VAL A 297 11.73 0.15 -28.44
N ASP A 298 10.64 0.88 -28.67
CA ASP A 298 10.64 2.10 -29.53
C ASP A 298 10.61 3.40 -28.71
N TYR A 299 9.92 3.42 -27.55
CA TYR A 299 9.67 4.65 -26.79
C TYR A 299 9.70 4.30 -25.29
N ILE A 300 10.40 5.14 -24.55
CA ILE A 300 10.46 5.09 -23.06
C ILE A 300 9.89 6.41 -22.54
N ASN A 301 8.84 6.32 -21.73
CA ASN A 301 8.40 7.44 -20.87
C ASN A 301 9.22 7.31 -19.58
N ALA A 302 10.19 8.20 -19.43
CA ALA A 302 11.21 8.15 -18.38
C ALA A 302 10.55 8.50 -17.06
N HIS A 303 11.22 8.18 -15.97
CA HIS A 303 10.90 8.74 -14.63
C HIS A 303 11.23 10.23 -14.69
N GLY A 304 12.47 10.55 -15.10
CA GLY A 304 12.89 11.89 -15.55
C GLY A 304 12.40 13.04 -14.69
N THR A 305 12.75 13.08 -13.40
CA THR A 305 12.11 13.98 -12.39
C THR A 305 12.72 15.40 -12.41
N SER A 306 13.81 15.64 -13.12
CA SER A 306 14.58 16.93 -13.12
C SER A 306 15.47 17.06 -11.88
N THR A 307 15.94 15.96 -11.31
CA THR A 307 16.93 16.02 -10.20
C THR A 307 18.33 15.80 -10.79
N PRO A 308 19.36 16.45 -10.24
CA PRO A 308 20.73 16.20 -10.67
C PRO A 308 21.06 14.71 -10.78
N ALA A 309 20.91 13.95 -9.69
CA ALA A 309 21.36 12.54 -9.58
C ALA A 309 20.44 11.59 -10.36
N GLY A 310 19.11 11.71 -10.23
CA GLY A 310 18.12 10.80 -10.85
C GLY A 310 18.23 10.77 -12.37
N ASP A 311 18.28 11.94 -13.02
CA ASP A 311 18.20 12.04 -14.51
C ASP A 311 19.38 11.30 -15.11
N ILE A 312 20.57 11.51 -14.57
CA ILE A 312 21.81 10.89 -15.13
C ILE A 312 21.80 9.38 -14.90
N ALA A 313 21.50 8.95 -13.67
CA ALA A 313 21.37 7.51 -13.35
C ALA A 313 20.42 6.79 -14.33
N GLU A 314 19.33 7.43 -14.74
CA GLU A 314 18.37 6.81 -15.68
C GLU A 314 19.00 6.70 -17.08
N ILE A 315 19.77 7.70 -17.53
CA ILE A 315 20.53 7.59 -18.83
C ILE A 315 21.46 6.37 -18.75
N ALA A 316 22.20 6.21 -17.65
CA ALA A 316 23.16 5.10 -17.45
C ALA A 316 22.45 3.73 -17.55
N ALA A 317 21.27 3.62 -16.95
CA ALA A 317 20.49 2.36 -16.92
C ALA A 317 20.06 2.01 -18.34
N VAL A 318 19.57 2.99 -19.09
CA VAL A 318 19.06 2.77 -20.47
C VAL A 318 20.26 2.38 -21.37
N LYS A 319 21.39 3.07 -21.28
CA LYS A 319 22.62 2.74 -22.05
C LYS A 319 23.02 1.28 -21.77
N SER A 320 22.99 0.87 -20.50
CA SER A 320 23.36 -0.48 -20.05
C SER A 320 22.36 -1.55 -20.53
N VAL A 321 21.05 -1.31 -20.46
CA VAL A 321 20.05 -2.34 -20.89
C VAL A 321 20.04 -2.45 -22.43
N PHE A 322 20.19 -1.35 -23.15
CA PHE A 322 19.81 -1.26 -24.58
C PHE A 322 21.05 -1.20 -25.49
N GLY A 323 22.24 -1.00 -24.92
CA GLY A 323 23.51 -0.87 -25.68
C GLY A 323 23.35 0.08 -26.85
N GLU A 324 23.63 -0.36 -28.07
CA GLU A 324 23.62 0.46 -29.31
C GLU A 324 22.18 0.95 -29.58
N HIS A 325 21.18 0.12 -29.28
CA HIS A 325 19.74 0.43 -29.49
C HIS A 325 19.28 1.63 -28.65
N ALA A 326 20.04 2.05 -27.64
CA ALA A 326 19.79 3.28 -26.83
C ALA A 326 19.71 4.52 -27.73
N HIS A 327 20.34 4.51 -28.91
CA HIS A 327 20.41 5.69 -29.83
C HIS A 327 19.35 5.61 -30.93
N ALA A 328 18.60 4.50 -31.04
CA ALA A 328 17.51 4.28 -32.00
C ALA A 328 16.16 4.56 -31.33
N LEU A 329 15.92 4.08 -30.10
CA LEU A 329 14.64 4.34 -29.37
C LEU A 329 14.52 5.85 -29.08
N SER A 330 13.33 6.31 -28.73
CA SER A 330 13.11 7.68 -28.24
C SER A 330 12.73 7.61 -26.76
N MET A 331 13.21 8.56 -25.95
CA MET A 331 12.93 8.64 -24.48
C MET A 331 12.58 10.08 -24.12
N SER A 332 11.45 10.31 -23.49
CA SER A 332 11.08 11.66 -23.02
C SER A 332 10.51 11.60 -21.61
N SER A 333 10.61 12.73 -20.92
CA SER A 333 9.93 12.99 -19.63
C SER A 333 8.77 13.94 -19.83
N THR A 334 7.55 13.41 -19.66
CA THR A 334 6.33 14.24 -19.62
C THR A 334 6.31 15.06 -18.32
N LYS A 335 7.16 14.78 -17.32
CA LYS A 335 7.26 15.63 -16.10
C LYS A 335 7.84 17.02 -16.46
N SER A 336 8.49 17.18 -17.61
CA SER A 336 8.88 18.52 -18.12
C SER A 336 7.62 19.41 -18.19
N MET A 337 6.43 18.83 -18.37
CA MET A 337 5.18 19.62 -18.54
C MET A 337 4.24 19.48 -17.32
N THR A 338 4.12 18.29 -16.75
CA THR A 338 3.08 17.99 -15.70
C THR A 338 3.65 18.26 -14.31
N GLY A 339 4.98 18.28 -14.22
CA GLY A 339 5.68 18.10 -12.95
C GLY A 339 5.53 16.68 -12.45
N HIS A 340 5.85 16.50 -11.17
CA HIS A 340 5.89 15.16 -10.57
C HIS A 340 4.67 14.90 -9.69
N LEU A 341 3.78 14.06 -10.17
CA LEU A 341 2.53 13.73 -9.41
C LEU A 341 2.79 12.66 -8.34
N LEU A 342 4.06 12.32 -8.11
CA LEU A 342 4.46 11.37 -7.02
C LEU A 342 3.77 10.01 -7.20
N GLY A 343 2.88 9.58 -6.28
CA GLY A 343 2.22 8.27 -6.38
C GLY A 343 1.31 8.15 -7.60
N ALA A 344 0.85 9.28 -8.15
CA ALA A 344 0.05 9.30 -9.38
C ALA A 344 0.92 9.40 -10.64
N ALA A 345 2.21 9.69 -10.52
CA ALA A 345 3.13 9.88 -11.68
C ALA A 345 3.08 8.67 -12.63
N GLY A 346 3.22 7.44 -12.11
CA GLY A 346 3.17 6.22 -12.93
C GLY A 346 1.82 5.92 -13.58
N ALA A 347 0.72 6.32 -12.96
CA ALA A 347 -0.64 6.13 -13.51
C ALA A 347 -0.84 7.09 -14.69
N VAL A 348 -0.53 8.36 -14.57
CA VAL A 348 -0.77 9.28 -15.72
C VAL A 348 0.26 8.94 -16.81
N GLU A 349 1.44 8.43 -16.45
CA GLU A 349 2.55 8.17 -17.41
C GLU A 349 2.30 6.85 -18.14
N ALA A 350 1.67 5.85 -17.51
CA ALA A 350 1.09 4.66 -18.18
C ALA A 350 0.12 5.11 -19.28
N ILE A 351 -0.81 6.02 -18.96
CA ILE A 351 -1.81 6.54 -19.93
C ILE A 351 -1.09 7.25 -21.08
N PHE A 352 -0.10 8.09 -20.81
CA PHE A 352 0.66 8.79 -21.89
C PHE A 352 1.40 7.80 -22.81
N SER A 353 1.87 6.68 -22.28
CA SER A 353 2.60 5.64 -23.03
C SER A 353 1.63 4.91 -23.97
N VAL A 354 0.44 4.60 -23.45
CA VAL A 354 -0.68 3.95 -24.20
C VAL A 354 -1.09 4.88 -25.35
N LEU A 355 -1.23 6.18 -25.10
CA LEU A 355 -1.66 7.14 -26.16
C LEU A 355 -0.51 7.38 -27.14
N ALA A 356 0.75 7.22 -26.71
CA ALA A 356 1.91 7.31 -27.62
C ALA A 356 1.81 6.15 -28.62
N LEU A 357 1.41 4.96 -28.16
CA LEU A 357 1.13 3.81 -29.05
C LEU A 357 -0.08 4.06 -29.97
N ARG A 358 -1.22 4.48 -29.41
CA ARG A 358 -2.45 4.78 -30.19
C ARG A 358 -2.14 5.77 -31.33
N ASP A 359 -1.47 6.88 -31.04
CA ASP A 359 -1.30 8.03 -31.99
C ASP A 359 0.03 7.95 -32.74
N GLN A 360 0.95 7.08 -32.31
CA GLN A 360 2.28 6.88 -32.96
C GLN A 360 3.02 8.22 -32.96
N VAL A 361 3.13 8.82 -31.76
CA VAL A 361 3.85 10.11 -31.50
C VAL A 361 4.54 10.01 -30.13
N ALA A 362 5.84 10.35 -30.08
CA ALA A 362 6.61 10.53 -28.83
C ALA A 362 6.36 11.92 -28.29
N PRO A 363 5.86 12.04 -27.04
CA PRO A 363 5.73 13.34 -26.38
C PRO A 363 7.08 14.02 -26.18
N PRO A 364 7.14 15.37 -26.12
CA PRO A 364 8.41 16.08 -25.95
C PRO A 364 8.93 16.07 -24.51
N THR A 365 10.25 16.19 -24.35
CA THR A 365 10.83 16.77 -23.12
C THR A 365 11.00 18.28 -23.35
N ILE A 366 10.09 19.14 -22.85
CA ILE A 366 10.24 20.62 -22.94
C ILE A 366 11.37 21.05 -21.99
N ASN A 367 11.89 22.26 -22.22
CA ASN A 367 12.91 22.97 -21.38
C ASN A 367 14.29 22.30 -21.52
N LEU A 368 14.49 21.36 -22.45
CA LEU A 368 15.79 20.70 -22.66
C LEU A 368 16.67 21.58 -23.58
N ASP A 369 17.10 22.74 -23.06
CA ASP A 369 17.87 23.78 -23.79
C ASP A 369 19.34 23.36 -23.97
N ASN A 370 19.96 22.74 -22.96
CA ASN A 370 21.40 22.39 -22.95
C ASN A 370 21.55 21.07 -22.23
N PRO A 371 21.45 19.95 -22.98
CA PRO A 371 21.60 18.61 -22.42
C PRO A 371 22.93 18.49 -21.68
N ASP A 372 22.90 17.82 -20.53
CA ASP A 372 24.06 17.70 -19.63
C ASP A 372 25.02 16.68 -20.23
N GLU A 373 26.23 16.58 -19.66
CA GLU A 373 27.25 15.54 -20.00
C GLU A 373 26.63 14.15 -20.03
N GLY A 374 26.80 13.44 -21.15
CA GLY A 374 26.38 12.04 -21.33
C GLY A 374 24.89 11.90 -21.61
N CYS A 375 24.17 13.01 -21.73
CA CYS A 375 22.70 13.02 -22.02
C CYS A 375 22.51 13.17 -23.54
N ASP A 376 23.01 12.20 -24.32
CA ASP A 376 23.17 12.29 -25.80
C ASP A 376 22.25 11.29 -26.50
N LEU A 377 21.20 10.80 -25.84
CA LEU A 377 20.15 10.00 -26.50
C LEU A 377 19.15 10.94 -27.21
N ASP A 378 18.20 10.34 -27.90
CA ASP A 378 17.03 11.03 -28.48
C ASP A 378 16.05 11.24 -27.34
N LEU A 379 16.09 12.42 -26.72
CA LEU A 379 15.22 12.74 -25.56
C LEU A 379 14.04 13.59 -26.04
N VAL A 380 13.84 13.68 -27.36
CA VAL A 380 12.66 14.37 -27.97
C VAL A 380 12.60 15.80 -27.41
N ALA A 381 13.71 16.54 -27.45
CA ALA A 381 13.77 17.93 -26.93
C ALA A 381 12.71 18.84 -27.62
N HIS A 382 11.96 19.61 -26.84
CA HIS A 382 11.15 20.80 -27.27
C HIS A 382 9.81 20.41 -27.91
N GLU A 383 9.79 19.46 -28.86
CA GLU A 383 8.65 19.28 -29.79
C GLU A 383 8.33 17.79 -29.94
N ALA A 384 7.05 17.45 -30.01
CA ALA A 384 6.54 16.07 -30.16
C ALA A 384 7.12 15.51 -31.45
N LYS A 385 7.45 14.23 -31.49
CA LYS A 385 8.02 13.59 -32.70
C LYS A 385 7.15 12.40 -33.09
N PRO A 386 6.39 12.51 -34.21
CA PRO A 386 5.78 11.35 -34.85
C PRO A 386 6.85 10.32 -35.22
N ARG A 387 6.61 9.06 -34.93
CA ARG A 387 7.57 7.96 -35.23
C ARG A 387 6.83 6.65 -35.04
N LYS A 388 7.44 5.55 -35.47
CA LYS A 388 6.84 4.23 -35.26
C LYS A 388 7.05 3.80 -33.80
N ILE A 389 6.02 3.26 -33.19
CA ILE A 389 6.06 2.80 -31.77
C ILE A 389 5.24 1.52 -31.69
N ASP A 390 5.91 0.37 -31.66
CA ASP A 390 5.25 -0.95 -31.45
C ASP A 390 5.31 -1.33 -29.98
N VAL A 391 6.38 -0.92 -29.28
CA VAL A 391 6.61 -1.22 -27.83
C VAL A 391 6.95 0.10 -27.13
N ALA A 392 6.25 0.37 -26.01
CA ALA A 392 6.44 1.55 -25.14
C ALA A 392 6.72 1.05 -23.72
N LEU A 393 7.71 1.64 -23.06
CA LEU A 393 8.14 1.29 -21.67
CA LEU A 393 8.09 1.27 -21.68
C LEU A 393 7.87 2.49 -20.77
N SER A 394 7.40 2.29 -19.55
CA SER A 394 7.19 3.41 -18.59
C SER A 394 7.90 3.06 -17.27
N ASN A 395 8.79 3.95 -16.80
CA ASN A 395 9.64 3.72 -15.62
C ASN A 395 9.23 4.63 -14.46
N SER A 396 9.28 4.07 -13.25
CA SER A 396 9.07 4.80 -11.98
C SER A 396 10.10 4.27 -10.97
N PHE A 397 10.81 5.20 -10.31
CA PHE A 397 11.79 4.98 -9.21
C PHE A 397 11.39 5.87 -8.03
N GLY A 398 11.57 5.38 -6.83
CA GLY A 398 11.05 6.08 -5.63
C GLY A 398 11.97 5.91 -4.45
N PHE A 399 11.72 6.75 -3.45
CA PHE A 399 12.36 6.70 -2.12
C PHE A 399 12.41 5.24 -1.66
N GLY A 400 13.53 4.83 -1.09
CA GLY A 400 13.78 3.45 -0.63
C GLY A 400 14.39 2.60 -1.73
N GLY A 401 14.62 3.18 -2.91
CA GLY A 401 15.17 2.49 -4.08
C GLY A 401 14.21 1.47 -4.66
N THR A 402 12.89 1.72 -4.56
CA THR A 402 11.86 0.83 -5.13
C THR A 402 11.57 1.28 -6.58
N ASN A 403 11.61 0.34 -7.49
CA ASN A 403 11.58 0.54 -8.95
C ASN A 403 10.42 -0.28 -9.55
N GLY A 404 9.77 0.32 -10.55
CA GLY A 404 8.81 -0.39 -11.39
C GLY A 404 8.94 0.01 -12.85
N THR A 405 8.67 -0.96 -13.72
CA THR A 405 8.62 -0.84 -15.19
C THR A 405 7.40 -1.59 -15.76
N LEU A 406 6.66 -0.92 -16.64
CA LEU A 406 5.53 -1.46 -17.40
C LEU A 406 5.91 -1.44 -18.90
N VAL A 407 5.61 -2.52 -19.60
CA VAL A 407 5.80 -2.64 -21.08
C VAL A 407 4.43 -2.85 -21.73
N PHE A 408 4.04 -1.91 -22.60
CA PHE A 408 2.78 -1.90 -23.38
C PHE A 408 3.13 -2.09 -24.86
N ARG A 409 2.32 -2.86 -25.57
CA ARG A 409 2.52 -3.12 -27.02
C ARG A 409 1.22 -2.79 -27.78
N ARG A 410 1.39 -2.50 -29.07
CA ARG A 410 0.20 -2.30 -29.93
C ARG A 410 -0.60 -3.59 -29.98
N PHE A 411 -1.92 -3.46 -29.96
CA PHE A 411 -2.85 -4.62 -30.10
C PHE A 411 -3.62 -4.48 -31.43
N ALA A 412 -3.49 -5.43 -32.37
CA ALA A 412 -4.27 -5.46 -33.64
C ALA A 412 -4.88 -6.84 -33.88
N SER B 1 3.73 -24.91 -12.44
CA SER B 1 2.96 -23.64 -12.29
C SER B 1 3.20 -23.07 -10.87
N ARG B 2 2.14 -22.84 -10.08
CA ARG B 2 2.24 -22.35 -8.67
C ARG B 2 3.22 -23.21 -7.89
N ARG B 3 4.15 -22.57 -7.16
CA ARG B 3 5.03 -23.23 -6.17
C ARG B 3 4.38 -23.13 -4.79
N ARG B 4 4.74 -24.03 -3.90
CA ARG B 4 4.29 -24.08 -2.49
C ARG B 4 5.11 -23.07 -1.67
N VAL B 5 4.54 -22.54 -0.59
CA VAL B 5 5.13 -21.43 0.23
C VAL B 5 5.10 -21.84 1.69
N VAL B 6 6.26 -21.79 2.37
CA VAL B 6 6.38 -22.12 3.83
C VAL B 6 6.89 -20.91 4.63
N ILE B 7 6.70 -20.98 5.95
CA ILE B 7 7.16 -19.99 6.96
C ILE B 7 8.43 -20.53 7.64
N THR B 8 9.56 -19.83 7.52
CA THR B 8 10.87 -20.30 8.06
C THR B 8 11.41 -19.32 9.11
N GLY B 9 10.74 -18.17 9.31
CA GLY B 9 11.18 -17.16 10.29
C GLY B 9 10.05 -16.26 10.73
N MET B 10 10.04 -15.84 12.00
CA MET B 10 8.98 -14.93 12.52
C MET B 10 9.60 -13.93 13.50
N GLY B 11 9.02 -12.73 13.59
CA GLY B 11 9.51 -11.61 14.43
C GLY B 11 8.37 -10.73 14.90
N MET B 12 8.50 -10.10 16.07
CA MET B 12 7.34 -9.38 16.65
C MET B 12 7.74 -8.36 17.73
N LEU B 13 7.09 -7.20 17.70
CA LEU B 13 6.87 -6.30 18.88
C LEU B 13 5.38 -6.26 19.19
N SER B 14 4.98 -6.53 20.43
CA SER B 14 3.56 -6.45 20.83
C SER B 14 3.42 -5.87 22.22
N PRO B 15 2.20 -5.49 22.67
CA PRO B 15 1.96 -5.14 24.09
C PRO B 15 2.26 -6.28 25.08
N LEU B 16 2.58 -7.48 24.61
CA LEU B 16 2.85 -8.63 25.49
C LEU B 16 4.36 -8.97 25.53
N GLY B 17 5.16 -8.37 24.65
CA GLY B 17 6.56 -8.77 24.59
C GLY B 17 7.35 -8.09 23.49
N LEU B 18 8.68 -8.12 23.63
CA LEU B 18 9.62 -7.52 22.67
C LEU B 18 10.14 -8.55 21.65
N ASP B 19 9.58 -9.77 21.61
CA ASP B 19 9.86 -10.80 20.57
C ASP B 19 8.69 -11.78 20.50
N VAL B 20 8.83 -12.80 19.67
CA VAL B 20 7.78 -13.84 19.47
C VAL B 20 7.63 -14.71 20.71
N PRO B 21 8.70 -15.36 21.24
N PRO B 21 8.69 -15.39 21.23
CA PRO B 21 8.54 -16.24 22.40
CA PRO B 21 8.52 -16.25 22.40
C PRO B 21 7.86 -15.54 23.59
C PRO B 21 7.85 -15.53 23.58
N SER B 22 8.28 -14.31 23.92
CA SER B 22 7.73 -13.57 25.09
C SER B 22 6.24 -13.23 24.86
N SER B 23 5.89 -12.79 23.66
CA SER B 23 4.51 -12.44 23.27
C SER B 23 3.62 -13.67 23.40
N TRP B 24 4.05 -14.81 22.83
CA TRP B 24 3.32 -16.10 22.81
C TRP B 24 3.11 -16.63 24.24
N GLU B 25 4.12 -16.56 25.09
CA GLU B 25 3.97 -16.90 26.53
C GLU B 25 2.80 -16.11 27.13
N GLY B 26 2.71 -14.82 26.81
CA GLY B 26 1.67 -13.94 27.34
C GLY B 26 0.31 -14.38 26.82
N ILE B 27 0.26 -14.72 25.53
CA ILE B 27 -0.98 -15.25 24.87
C ILE B 27 -1.46 -16.50 25.63
N LEU B 28 -0.60 -17.47 25.86
CA LEU B 28 -1.06 -18.77 26.42
C LEU B 28 -1.37 -18.61 27.91
N ALA B 29 -0.84 -17.57 28.57
CA ALA B 29 -1.12 -17.25 29.99
C ALA B 29 -2.39 -16.43 30.17
N GLY B 30 -3.01 -15.93 29.10
CA GLY B 30 -4.21 -15.10 29.27
C GLY B 30 -3.88 -13.72 29.84
N ARG B 31 -2.66 -13.24 29.66
CA ARG B 31 -2.21 -11.91 30.18
C ARG B 31 -2.70 -10.78 29.26
N SER B 32 -3.19 -9.68 29.84
CA SER B 32 -3.49 -8.38 29.15
C SER B 32 -2.21 -7.55 29.00
N GLY B 33 -2.02 -6.92 27.85
CA GLY B 33 -0.97 -5.90 27.61
C GLY B 33 -1.54 -4.47 27.62
N ILE B 34 -2.78 -4.28 28.11
CA ILE B 34 -3.49 -2.98 28.05
C ILE B 34 -3.32 -2.24 29.39
N ALA B 35 -3.08 -0.94 29.33
CA ALA B 35 -2.71 -0.11 30.50
C ALA B 35 -2.96 1.34 30.15
N PRO B 36 -3.18 2.20 31.17
CA PRO B 36 -3.19 3.63 30.96
C PRO B 36 -1.95 4.06 30.16
N ILE B 37 -2.13 4.97 29.21
CA ILE B 37 -1.04 5.46 28.34
C ILE B 37 -0.21 6.46 29.14
N GLU B 38 1.11 6.27 29.15
CA GLU B 38 2.08 7.07 29.95
C GLU B 38 2.69 8.20 29.09
N HIS B 39 2.82 8.03 27.78
CA HIS B 39 3.72 8.88 26.96
C HIS B 39 3.11 10.25 26.62
N MET B 40 1.87 10.57 27.03
CA MET B 40 1.21 11.88 26.73
C MET B 40 0.02 12.12 27.68
N ASP B 41 -0.42 13.37 27.77
CA ASP B 41 -1.54 13.81 28.64
C ASP B 41 -2.88 13.63 27.91
N LEU B 42 -3.72 12.70 28.38
CA LEU B 42 -4.99 12.32 27.68
C LEU B 42 -6.22 12.83 28.44
N SER B 43 -6.05 13.79 29.34
CA SER B 43 -7.15 14.19 30.26
C SER B 43 -8.33 14.78 29.47
N ALA B 44 -8.11 15.31 28.25
CA ALA B 44 -9.16 15.87 27.37
C ALA B 44 -9.83 14.80 26.49
N TYR B 45 -9.38 13.53 26.55
CA TYR B 45 -9.79 12.46 25.59
C TYR B 45 -10.79 11.53 26.31
N SER B 46 -11.72 10.90 25.60
CA SER B 46 -12.69 9.96 26.22
C SER B 46 -12.06 8.57 26.39
N THR B 47 -10.90 8.31 25.77
CA THR B 47 -10.13 7.04 25.92
C THR B 47 -8.68 7.36 26.31
N ARG B 48 -8.19 6.76 27.39
CA ARG B 48 -6.92 7.17 28.02
C ARG B 48 -6.00 5.96 28.20
N PHE B 49 -6.33 4.81 27.61
CA PHE B 49 -5.53 3.56 27.70
C PHE B 49 -5.35 2.93 26.31
N GLY B 50 -4.47 1.92 26.24
CA GLY B 50 -4.23 1.10 25.04
C GLY B 50 -3.09 0.13 25.25
N GLY B 51 -2.71 -0.58 24.17
CA GLY B 51 -1.58 -1.51 24.17
C GLY B 51 -0.33 -0.87 23.61
N SER B 52 0.51 -0.36 24.51
CA SER B 52 1.83 0.21 24.15
C SER B 52 2.87 -0.93 24.07
N VAL B 53 3.91 -0.73 23.27
CA VAL B 53 5.12 -1.59 23.36
C VAL B 53 5.92 -1.06 24.56
N LYS B 54 6.11 -1.85 25.62
CA LYS B 54 6.74 -1.35 26.86
C LYS B 54 8.23 -1.71 26.84
N GLY B 55 9.12 -0.74 27.01
CA GLY B 55 10.56 -1.01 27.22
C GLY B 55 11.29 -1.33 25.92
N PHE B 56 10.77 -0.88 24.78
CA PHE B 56 11.44 -1.10 23.48
C PHE B 56 12.75 -0.31 23.45
N ASN B 57 13.85 -0.98 23.08
CA ASN B 57 15.19 -0.38 22.91
C ASN B 57 15.60 -0.53 21.44
N VAL B 58 15.40 0.53 20.65
CA VAL B 58 15.76 0.55 19.21
C VAL B 58 17.28 0.35 19.03
N GLU B 59 18.10 0.63 20.07
CA GLU B 59 19.57 0.48 20.01
C GLU B 59 19.95 -0.99 20.19
N GLU B 60 18.97 -1.89 20.28
CA GLU B 60 19.22 -3.34 20.06
C GLU B 60 19.33 -3.64 18.56
N TYR B 61 19.05 -2.69 17.67
CA TYR B 61 18.87 -2.94 16.21
C TYR B 61 19.61 -1.90 15.37
N LEU B 62 19.56 -0.63 15.77
CA LEU B 62 19.96 0.54 14.93
C LEU B 62 20.67 1.54 15.83
N SER B 63 21.60 2.31 15.26
CA SER B 63 22.27 3.45 15.95
C SER B 63 21.22 4.48 16.37
N ALA B 64 21.39 5.13 17.52
CA ALA B 64 20.49 6.23 17.95
C ALA B 64 20.44 7.31 16.84
N LYS B 65 21.54 7.53 16.14
CA LYS B 65 21.62 8.55 15.07
C LYS B 65 20.62 8.21 13.95
N GLU B 66 20.54 6.95 13.55
CA GLU B 66 19.57 6.59 12.49
C GLU B 66 18.16 6.64 13.05
N ALA B 67 17.92 6.07 14.22
CA ALA B 67 16.58 5.94 14.86
C ALA B 67 15.89 7.30 14.99
N ARG B 68 16.63 8.34 15.36
CA ARG B 68 16.12 9.71 15.53
C ARG B 68 15.42 10.20 14.26
N LYS B 69 15.82 9.72 13.09
CA LYS B 69 15.20 10.13 11.79
C LYS B 69 13.92 9.33 11.47
N LEU B 70 13.56 8.29 12.24
CA LEU B 70 12.51 7.31 11.81
C LEU B 70 11.31 7.35 12.77
N ASP B 71 10.09 7.45 12.21
CA ASP B 71 8.86 7.28 13.02
C ASP B 71 8.88 5.93 13.75
N LEU B 72 8.25 5.83 14.92
CA LEU B 72 8.16 4.54 15.65
C LEU B 72 7.62 3.41 14.75
N PHE B 73 6.68 3.67 13.87
CA PHE B 73 6.15 2.53 13.07
C PHE B 73 7.29 1.92 12.23
N ILE B 74 8.22 2.76 11.78
CA ILE B 74 9.38 2.23 10.98
C ILE B 74 10.30 1.46 11.92
N GLN B 75 10.59 2.01 13.09
CA GLN B 75 11.46 1.37 14.08
C GLN B 75 10.87 -0.01 14.36
N TYR B 76 9.57 -0.08 14.67
CA TYR B 76 8.84 -1.33 15.04
C TYR B 76 8.87 -2.34 13.87
N GLY B 77 8.65 -1.88 12.65
CA GLY B 77 8.73 -2.69 11.41
C GLY B 77 10.11 -3.30 11.20
N LEU B 78 11.18 -2.51 11.35
CA LEU B 78 12.58 -2.99 11.22
C LEU B 78 12.89 -4.01 12.31
N ALA B 79 12.52 -3.76 13.56
CA ALA B 79 12.79 -4.70 14.68
C ALA B 79 12.18 -6.08 14.36
N ALA B 80 10.89 -6.15 14.01
CA ALA B 80 10.17 -7.40 13.69
C ALA B 80 10.84 -8.07 12.50
N SER B 81 11.21 -7.29 11.48
CA SER B 81 11.85 -7.82 10.25
C SER B 81 13.24 -8.42 10.58
N PHE B 82 14.08 -7.69 11.29
CA PHE B 82 15.44 -8.20 11.65
C PHE B 82 15.25 -9.51 12.45
N GLN B 83 14.30 -9.58 13.39
CA GLN B 83 14.09 -10.83 14.19
C GLN B 83 13.74 -11.99 13.25
N ALA B 84 12.84 -11.76 12.30
CA ALA B 84 12.33 -12.84 11.39
C ALA B 84 13.48 -13.32 10.48
N VAL B 85 14.32 -12.45 9.95
CA VAL B 85 15.44 -12.84 9.04
C VAL B 85 16.46 -13.66 9.85
N ARG B 86 16.80 -13.21 11.04
CA ARG B 86 17.70 -14.01 11.92
C ARG B 86 17.07 -15.37 12.23
N ASP B 87 15.80 -15.40 12.66
CA ASP B 87 15.07 -16.65 12.97
C ASP B 87 15.10 -17.60 11.77
N SER B 88 15.13 -17.13 10.52
CA SER B 88 15.08 -17.99 9.31
C SER B 88 16.40 -18.74 9.08
N GLY B 89 17.51 -18.20 9.57
CA GLY B 89 18.87 -18.73 9.31
C GLY B 89 19.32 -18.43 7.88
N LEU B 90 18.55 -17.66 7.09
CA LEU B 90 18.87 -17.41 5.66
C LEU B 90 20.14 -16.56 5.53
N GLU B 91 21.06 -16.94 4.64
CA GLU B 91 22.24 -16.11 4.30
C GLU B 91 21.95 -15.41 2.98
N VAL B 92 21.93 -14.09 2.99
CA VAL B 92 21.78 -13.24 1.78
C VAL B 92 23.15 -13.17 1.11
N THR B 93 23.22 -13.57 -0.18
CA THR B 93 24.46 -13.60 -1.01
C THR B 93 24.22 -12.89 -2.34
N ASP B 94 25.28 -12.65 -3.10
CA ASP B 94 25.11 -12.16 -4.50
C ASP B 94 24.29 -13.14 -5.33
N ALA B 95 24.32 -14.44 -5.02
CA ALA B 95 23.63 -15.50 -5.80
C ALA B 95 22.11 -15.45 -5.57
N ASN B 96 21.61 -14.92 -4.46
CA ASN B 96 20.16 -14.96 -4.17
C ASN B 96 19.56 -13.57 -3.87
N ARG B 97 20.36 -12.51 -3.78
CA ARG B 97 19.84 -11.18 -3.33
C ARG B 97 18.73 -10.64 -4.25
N GLU B 98 18.79 -10.90 -5.56
CA GLU B 98 17.73 -10.42 -6.47
C GLU B 98 16.42 -11.21 -6.28
N ARG B 99 16.42 -12.30 -5.51
CA ARG B 99 15.27 -13.24 -5.38
C ARG B 99 14.63 -13.08 -3.99
N ILE B 100 15.10 -12.13 -3.18
CA ILE B 100 14.54 -11.82 -1.83
C ILE B 100 13.99 -10.39 -1.85
N GLY B 101 12.68 -10.25 -1.60
CA GLY B 101 12.04 -8.94 -1.49
C GLY B 101 11.37 -8.74 -0.14
N VAL B 102 10.55 -7.71 -0.04
CA VAL B 102 9.95 -7.32 1.26
C VAL B 102 8.62 -6.64 0.96
N SER B 103 7.61 -6.96 1.75
CA SER B 103 6.28 -6.30 1.71
C SER B 103 5.84 -6.13 3.16
N MET B 104 6.29 -5.03 3.77
CA MET B 104 5.88 -4.63 5.15
C MET B 104 4.96 -3.40 5.02
N GLY B 105 3.73 -3.50 5.52
CA GLY B 105 2.68 -2.48 5.33
C GLY B 105 2.34 -1.74 6.63
N SER B 106 1.49 -0.74 6.53
CA SER B 106 0.94 0.03 7.68
C SER B 106 -0.44 0.59 7.32
N GLY B 107 -1.34 0.74 8.29
CA GLY B 107 -2.65 1.33 8.01
C GLY B 107 -2.59 2.85 7.89
N ILE B 108 -1.89 3.51 8.81
CA ILE B 108 -1.84 5.01 8.83
C ILE B 108 -0.39 5.49 8.71
N GLY B 109 0.55 4.69 9.17
CA GLY B 109 1.95 5.07 8.98
C GLY B 109 2.51 6.04 10.00
N GLY B 110 3.10 7.14 9.54
CA GLY B 110 3.94 7.99 10.43
C GLY B 110 3.17 9.12 11.08
N LEU B 111 2.03 8.83 11.71
CA LEU B 111 1.08 9.84 12.27
C LEU B 111 1.74 10.65 13.40
N THR B 112 2.56 10.02 14.25
CA THR B 112 3.29 10.70 15.36
C THR B 112 4.30 11.71 14.78
N ASN B 113 5.10 11.28 13.82
CA ASN B 113 6.08 12.16 13.15
C ASN B 113 5.28 13.27 12.44
N ILE B 114 4.14 12.96 11.85
CA ILE B 114 3.38 14.03 11.11
C ILE B 114 2.84 15.04 12.13
N GLU B 115 2.31 14.57 13.24
CA GLU B 115 1.75 15.43 14.31
C GLU B 115 2.86 16.36 14.85
N ASN B 116 4.05 15.82 15.11
CA ASN B 116 5.19 16.58 15.65
C ASN B 116 5.63 17.65 14.63
N ASN B 117 5.61 17.34 13.34
CA ASN B 117 6.09 18.26 12.29
C ASN B 117 5.00 19.29 12.06
N CYS B 118 3.74 18.92 12.29
CA CYS B 118 2.62 19.90 12.20
C CYS B 118 2.75 20.95 13.32
N ARG B 119 3.01 20.53 14.56
CA ARG B 119 3.30 21.43 15.69
C ARG B 119 4.37 22.46 15.26
N SER B 120 5.53 21.98 14.78
CA SER B 120 6.68 22.80 14.28
C SER B 120 6.18 23.82 13.24
N LEU B 121 5.42 23.37 12.24
CA LEU B 121 4.91 24.23 11.14
C LEU B 121 3.99 25.34 11.71
N PHE B 122 3.10 25.02 12.64
CA PHE B 122 2.09 26.00 13.09
C PHE B 122 2.60 26.88 14.24
N GLU B 123 3.36 26.31 15.17
CA GLU B 123 3.85 27.05 16.36
C GLU B 123 5.10 27.85 15.99
N GLN B 124 5.84 27.46 14.93
CA GLN B 124 7.17 28.03 14.59
C GLN B 124 7.17 28.45 13.11
N GLY B 125 7.03 27.50 12.18
CA GLY B 125 7.01 27.80 10.73
C GLY B 125 7.65 26.68 9.91
N PRO B 126 7.54 26.74 8.57
CA PRO B 126 7.99 25.64 7.72
C PRO B 126 9.51 25.41 7.76
N ARG B 127 10.27 26.46 8.13
CA ARG B 127 11.75 26.37 8.31
C ARG B 127 12.09 25.38 9.42
N ARG B 128 11.14 24.99 10.29
CA ARG B 128 11.42 24.00 11.38
C ARG B 128 10.98 22.56 11.01
N ILE B 129 10.41 22.32 9.84
CA ILE B 129 10.10 20.92 9.38
C ILE B 129 11.41 20.15 9.19
N SER B 130 11.49 18.90 9.67
CA SER B 130 12.68 18.03 9.54
C SER B 130 12.97 17.72 8.08
N PRO B 131 14.24 17.77 7.61
CA PRO B 131 14.63 17.23 6.32
C PRO B 131 14.34 15.73 6.14
N PHE B 132 14.16 14.99 7.25
CA PHE B 132 13.85 13.55 7.25
C PHE B 132 12.34 13.29 7.36
N PHE B 133 11.50 14.33 7.31
CA PHE B 133 10.02 14.24 7.40
C PHE B 133 9.47 13.18 6.44
N VAL B 134 9.78 13.32 5.15
CA VAL B 134 9.18 12.43 4.11
C VAL B 134 9.72 11.01 4.29
N PRO B 135 11.03 10.73 4.15
CA PRO B 135 11.52 9.37 4.25
C PRO B 135 11.40 8.77 5.67
N GLY B 136 11.18 9.58 6.70
CA GLY B 136 11.00 9.04 8.07
C GLY B 136 9.56 8.73 8.41
N SER B 137 8.60 9.07 7.55
CA SER B 137 7.16 9.02 7.87
C SER B 137 6.36 8.18 6.86
N ILE B 138 6.76 8.08 5.57
CA ILE B 138 5.90 7.42 4.54
C ILE B 138 5.95 5.90 4.66
N ILE B 139 4.83 5.28 4.30
CA ILE B 139 4.55 3.84 4.62
C ILE B 139 5.57 2.89 3.99
N ASN B 140 6.07 3.18 2.77
CA ASN B 140 6.89 2.23 1.98
C ASN B 140 8.31 2.10 2.55
N MET B 141 8.67 2.86 3.60
CA MET B 141 10.09 2.97 4.05
C MET B 141 10.43 1.88 5.07
N VAL B 142 9.49 1.10 5.60
CA VAL B 142 9.91 -0.15 6.30
C VAL B 142 10.52 -1.09 5.26
N SER B 143 9.82 -1.30 4.15
CA SER B 143 10.37 -2.09 3.01
C SER B 143 11.67 -1.45 2.51
N GLY B 144 11.71 -0.13 2.35
CA GLY B 144 12.89 0.63 1.87
C GLY B 144 14.13 0.36 2.72
N PHE B 145 14.07 0.74 4.00
CA PHE B 145 15.19 0.67 4.97
C PHE B 145 15.60 -0.81 5.15
N LEU B 146 14.65 -1.75 5.19
CA LEU B 146 15.04 -3.16 5.40
C LEU B 146 15.86 -3.65 4.20
N SER B 147 15.48 -3.28 2.97
CA SER B 147 16.26 -3.65 1.78
C SER B 147 17.67 -3.04 1.85
N ILE B 148 17.79 -1.78 2.30
CA ILE B 148 19.08 -1.03 2.39
C ILE B 148 20.00 -1.76 3.40
N HIS B 149 19.49 -2.14 4.56
CA HIS B 149 20.27 -2.74 5.68
C HIS B 149 20.71 -4.18 5.36
N LEU B 150 19.91 -4.97 4.63
CA LEU B 150 20.20 -6.40 4.37
C LEU B 150 20.63 -6.66 2.93
N GLY B 151 20.49 -5.70 2.02
CA GLY B 151 20.88 -5.91 0.61
C GLY B 151 19.87 -6.75 -0.15
N LEU B 152 18.56 -6.57 0.10
CA LEU B 152 17.45 -7.30 -0.56
C LEU B 152 17.10 -6.59 -1.88
N GLN B 153 17.26 -7.23 -3.04
CA GLN B 153 17.03 -6.53 -4.34
C GLN B 153 15.80 -7.10 -5.07
N GLY B 154 15.05 -7.96 -4.39
CA GLY B 154 13.80 -8.52 -4.92
C GLY B 154 12.66 -7.50 -4.91
N PRO B 155 11.43 -7.93 -5.23
CA PRO B 155 10.26 -7.04 -5.19
C PRO B 155 10.16 -6.30 -3.85
N ASN B 156 9.95 -4.99 -3.95
CA ASN B 156 10.02 -4.05 -2.81
C ASN B 156 8.79 -3.18 -2.83
N TYR B 157 7.87 -3.40 -1.89
CA TYR B 157 6.57 -2.69 -1.91
C TYR B 157 5.92 -2.71 -0.52
N ALA B 158 4.77 -2.07 -0.46
CA ALA B 158 4.00 -1.90 0.78
C ALA B 158 2.52 -1.81 0.43
N LEU B 159 1.69 -2.54 1.17
CA LEU B 159 0.21 -2.46 1.14
C LEU B 159 -0.26 -1.51 2.22
N THR B 160 -1.37 -0.84 1.97
CA THR B 160 -2.09 -0.06 3.00
C THR B 160 -3.59 -0.30 2.82
N THR B 161 -4.13 -1.24 3.63
CA THR B 161 -5.56 -1.65 3.57
C THR B 161 -6.11 -1.63 5.00
N ALA B 162 -5.76 -0.57 5.73
CA ALA B 162 -6.31 -0.30 7.07
C ALA B 162 -6.11 -1.53 7.95
N GLN B 163 -7.16 -2.04 8.60
CA GLN B 163 -7.02 -3.12 9.60
C GLN B 163 -6.80 -4.48 8.92
N THR B 164 -6.75 -4.52 7.58
CA THR B 164 -6.52 -5.77 6.82
C THR B 164 -5.06 -5.83 6.34
N THR B 165 -4.28 -4.75 6.51
CA THR B 165 -2.94 -4.58 5.93
C THR B 165 -2.06 -5.84 6.17
N GLY B 166 -1.94 -6.32 7.40
CA GLY B 166 -0.97 -7.37 7.74
C GLY B 166 -1.31 -8.68 7.03
N THR B 167 -2.59 -9.03 6.97
CA THR B 167 -3.08 -10.24 6.26
C THR B 167 -2.86 -10.08 4.74
N HIS B 168 -3.27 -8.99 4.10
CA HIS B 168 -3.02 -8.86 2.63
C HIS B 168 -1.51 -8.90 2.33
N SER B 169 -0.66 -8.24 3.14
CA SER B 169 0.80 -8.15 2.88
C SER B 169 1.41 -9.54 2.75
N ILE B 170 1.13 -10.41 3.74
CA ILE B 170 1.58 -11.82 3.79
C ILE B 170 1.00 -12.59 2.60
N GLY B 171 -0.29 -12.41 2.30
CA GLY B 171 -0.98 -13.16 1.23
C GLY B 171 -0.41 -12.83 -0.13
N MET B 172 -0.20 -11.55 -0.43
CA MET B 172 0.31 -11.11 -1.77
C MET B 172 1.81 -11.42 -1.88
N ALA B 173 2.57 -11.38 -0.78
CA ALA B 173 3.98 -11.82 -0.77
C ALA B 173 4.04 -13.33 -1.08
N ALA B 174 3.09 -14.14 -0.59
CA ALA B 174 3.04 -15.59 -0.90
C ALA B 174 2.77 -15.77 -2.39
N ARG B 175 1.89 -14.98 -2.98
CA ARG B 175 1.62 -14.99 -4.44
C ARG B 175 2.90 -14.69 -5.23
N ASN B 176 3.66 -13.68 -4.82
CA ASN B 176 4.95 -13.34 -5.49
C ASN B 176 5.79 -14.61 -5.60
N ILE B 177 5.87 -15.37 -4.51
CA ILE B 177 6.73 -16.57 -4.43
C ILE B 177 6.12 -17.69 -5.25
N ALA B 178 4.82 -17.91 -5.09
CA ALA B 178 4.11 -19.02 -5.76
C ALA B 178 4.29 -18.89 -7.27
N TYR B 179 4.22 -17.67 -7.79
CA TYR B 179 4.24 -17.40 -9.26
C TYR B 179 5.66 -17.14 -9.79
N GLY B 180 6.70 -17.26 -8.96
CA GLY B 180 8.11 -17.20 -9.42
C GLY B 180 8.74 -15.81 -9.45
N GLU B 181 8.06 -14.76 -8.98
CA GLU B 181 8.59 -13.36 -8.92
C GLU B 181 9.70 -13.24 -7.85
N ALA B 182 9.73 -14.14 -6.87
CA ALA B 182 10.72 -14.14 -5.78
C ALA B 182 10.78 -15.55 -5.20
N ASP B 183 11.88 -15.91 -4.54
CA ASP B 183 11.96 -17.20 -3.82
C ASP B 183 11.74 -16.98 -2.32
N VAL B 184 12.00 -15.77 -1.82
CA VAL B 184 11.88 -15.39 -0.37
C VAL B 184 11.23 -14.01 -0.27
N MET B 185 10.31 -13.85 0.69
CA MET B 185 9.76 -12.53 1.02
C MET B 185 9.67 -12.35 2.54
N VAL B 186 10.02 -11.14 3.01
CA VAL B 186 9.78 -10.67 4.40
C VAL B 186 8.50 -9.83 4.35
N ALA B 187 7.47 -10.24 5.10
CA ALA B 187 6.09 -9.71 4.93
C ALA B 187 5.40 -9.62 6.29
N GLY B 188 4.52 -8.64 6.39
CA GLY B 188 3.77 -8.31 7.62
C GLY B 188 3.44 -6.85 7.68
N GLY B 189 3.40 -6.30 8.89
CA GLY B 189 3.01 -4.91 9.10
C GLY B 189 3.45 -4.34 10.42
N SER B 190 3.31 -3.02 10.54
CA SER B 190 3.66 -2.26 11.76
C SER B 190 2.73 -1.07 11.94
N GLU B 191 2.45 -0.74 13.18
CA GLU B 191 1.57 0.42 13.45
C GLU B 191 2.01 1.11 14.75
N MET B 192 1.92 2.44 14.75
CA MET B 192 2.03 3.29 15.97
CA MET B 192 1.98 3.26 16.00
C MET B 192 1.12 4.50 15.79
N ALA B 193 -0.17 4.37 16.10
CA ALA B 193 -1.15 5.46 15.86
C ALA B 193 -1.58 6.12 17.17
N ALA B 194 -0.90 5.82 18.27
CA ALA B 194 -1.23 6.30 19.63
C ALA B 194 -0.60 7.68 19.83
N CYS B 195 -1.15 8.66 19.13
CA CYS B 195 -0.88 10.11 19.30
C CYS B 195 -2.24 10.80 19.37
N GLY B 196 -2.24 12.12 19.59
CA GLY B 196 -3.47 12.94 19.66
C GLY B 196 -4.39 12.71 18.48
N LEU B 197 -3.86 12.77 17.27
CA LEU B 197 -4.71 12.63 16.07
C LEU B 197 -5.30 11.22 16.03
N GLY B 198 -4.52 10.18 16.41
CA GLY B 198 -5.01 8.80 16.37
C GLY B 198 -6.09 8.53 17.41
N LEU B 199 -5.80 8.81 18.68
CA LEU B 199 -6.80 8.57 19.73
C LEU B 199 -8.00 9.51 19.53
N GLY B 200 -7.73 10.75 19.11
CA GLY B 200 -8.78 11.75 18.83
C GLY B 200 -9.66 11.35 17.67
N GLY B 201 -9.09 10.88 16.56
CA GLY B 201 -9.88 10.53 15.36
C GLY B 201 -10.75 9.30 15.57
N PHE B 202 -10.23 8.24 16.19
CA PHE B 202 -11.03 7.03 16.51
C PHE B 202 -12.07 7.38 17.59
N GLY B 203 -11.66 8.22 18.55
CA GLY B 203 -12.56 8.84 19.55
C GLY B 203 -13.73 9.59 18.94
N ALA B 204 -13.46 10.49 17.99
CA ALA B 204 -14.48 11.28 17.27
C ALA B 204 -15.48 10.35 16.62
N ALA B 205 -15.06 9.16 16.19
CA ALA B 205 -15.92 8.14 15.54
C ALA B 205 -16.60 7.23 16.56
N ARG B 206 -16.33 7.41 17.86
CA ARG B 206 -16.94 6.61 18.94
C ARG B 206 -16.62 5.12 18.72
N ALA B 207 -15.45 4.79 18.11
CA ALA B 207 -15.01 3.42 17.74
C ALA B 207 -14.34 2.69 18.92
N LEU B 208 -13.88 3.43 19.94
CA LEU B 208 -12.98 2.95 21.02
C LEU B 208 -13.80 2.65 22.26
N SER B 209 -13.45 1.60 22.99
CA SER B 209 -13.90 1.38 24.39
C SER B 209 -13.53 2.61 25.22
N THR B 210 -14.42 3.05 26.10
CA THR B 210 -14.16 4.15 27.07
C THR B 210 -14.13 3.54 28.48
N ARG B 211 -13.80 2.25 28.62
CA ARG B 211 -13.69 1.56 29.95
C ARG B 211 -12.39 1.97 30.68
N ASN B 212 -12.23 3.27 30.95
CA ASN B 212 -10.98 3.87 31.52
C ASN B 212 -10.72 3.30 32.91
N ASP B 213 -11.79 2.88 33.61
CA ASP B 213 -11.66 2.43 35.02
C ASP B 213 -11.08 1.03 35.05
N GLU B 214 -11.19 0.25 33.97
CA GLU B 214 -10.67 -1.15 33.99
C GLU B 214 -10.08 -1.48 32.62
N PRO B 215 -8.92 -0.89 32.25
CA PRO B 215 -8.35 -1.08 30.91
C PRO B 215 -8.14 -2.54 30.48
N THR B 216 -7.70 -3.44 31.38
CA THR B 216 -7.42 -4.87 31.04
C THR B 216 -8.72 -5.59 30.72
N ARG B 217 -9.89 -5.03 31.09
CA ARG B 217 -11.22 -5.66 30.83
C ARG B 217 -11.90 -5.02 29.61
N ALA B 218 -11.32 -4.00 28.99
CA ALA B 218 -11.98 -3.19 27.93
C ALA B 218 -12.20 -4.08 26.69
N SER B 219 -11.16 -4.80 26.23
CA SER B 219 -11.22 -5.63 25.01
C SER B 219 -11.87 -6.97 25.38
N ARG B 220 -13.13 -7.19 24.96
CA ARG B 220 -13.93 -8.35 25.43
C ARG B 220 -14.79 -8.82 24.25
N PRO B 221 -14.14 -9.35 23.17
CA PRO B 221 -14.84 -9.84 21.98
C PRO B 221 -15.97 -10.83 22.32
N TRP B 222 -17.13 -10.58 21.71
CA TRP B 222 -18.38 -11.41 21.76
C TRP B 222 -19.04 -11.29 23.12
N ASP B 223 -18.47 -10.53 24.05
CA ASP B 223 -19.14 -10.28 25.36
C ASP B 223 -20.26 -9.25 25.16
N ARG B 224 -21.38 -9.43 25.88
CA ARG B 224 -22.57 -8.54 25.91
C ARG B 224 -22.18 -7.10 26.30
N ASP B 225 -21.15 -6.90 27.11
CA ASP B 225 -20.84 -5.54 27.64
C ASP B 225 -19.69 -4.87 26.86
N ARG B 226 -19.33 -5.35 25.66
CA ARG B 226 -18.28 -4.72 24.81
C ARG B 226 -18.77 -3.35 24.36
N ASP B 227 -17.86 -2.42 24.11
CA ASP B 227 -18.21 -1.02 23.74
C ASP B 227 -17.14 -0.41 22.83
N GLY B 228 -16.48 -1.21 21.98
CA GLY B 228 -15.49 -0.70 21.00
C GLY B 228 -14.11 -1.32 21.18
N PHE B 229 -13.25 -1.08 20.21
CA PHE B 229 -11.91 -1.69 20.17
C PHE B 229 -10.97 -0.90 21.06
N VAL B 230 -9.84 -1.54 21.36
CA VAL B 230 -8.70 -0.99 22.13
C VAL B 230 -7.54 -0.77 21.16
N LEU B 231 -6.98 0.45 21.15
CA LEU B 231 -5.92 0.84 20.20
C LEU B 231 -4.58 0.33 20.72
N SER B 232 -3.83 -0.38 19.86
CA SER B 232 -2.56 -1.04 20.23
C SER B 232 -1.51 -0.83 19.14
N ASP B 233 -0.25 -0.96 19.57
CA ASP B 233 0.96 -0.64 18.77
C ASP B 233 1.80 -1.90 18.60
N GLY B 234 2.56 -1.97 17.52
CA GLY B 234 3.59 -3.00 17.35
C GLY B 234 3.77 -3.44 15.90
N SER B 235 4.31 -4.64 15.73
CA SER B 235 4.72 -5.17 14.41
C SER B 235 4.84 -6.68 14.43
N GLY B 236 4.60 -7.28 13.27
CA GLY B 236 4.81 -8.71 12.97
C GLY B 236 5.46 -8.83 11.61
N ALA B 237 6.46 -9.69 11.49
CA ALA B 237 7.13 -10.03 10.22
C ALA B 237 7.32 -11.55 10.13
N LEU B 238 7.19 -12.06 8.91
CA LEU B 238 7.41 -13.49 8.66
C LEU B 238 8.28 -13.67 7.41
N VAL B 239 9.21 -14.61 7.45
CA VAL B 239 10.00 -14.99 6.26
C VAL B 239 9.19 -16.10 5.57
N LEU B 240 8.73 -15.75 4.37
CA LEU B 240 8.02 -16.71 3.49
C LEU B 240 9.09 -17.20 2.50
N GLU B 241 9.04 -18.48 2.12
CA GLU B 241 10.09 -19.10 1.29
C GLU B 241 9.47 -20.18 0.42
N GLU B 242 9.86 -20.26 -0.85
CA GLU B 242 9.44 -21.39 -1.71
C GLU B 242 9.89 -22.73 -1.03
N LEU B 243 9.03 -23.76 -1.07
CA LEU B 243 9.24 -25.06 -0.37
C LEU B 243 10.59 -25.69 -0.76
N GLU B 244 10.91 -25.84 -2.05
CA GLU B 244 12.12 -26.61 -2.46
C GLU B 244 13.38 -25.82 -2.03
N HIS B 245 13.34 -24.49 -2.12
CA HIS B 245 14.39 -23.56 -1.65
C HIS B 245 14.62 -23.80 -0.16
N ALA B 246 13.55 -23.92 0.61
CA ALA B 246 13.64 -24.15 2.07
C ALA B 246 14.22 -25.55 2.32
N ARG B 247 13.76 -26.55 1.56
CA ARG B 247 14.24 -27.94 1.67
C ARG B 247 15.72 -27.98 1.29
N ALA B 248 16.11 -27.35 0.18
CA ALA B 248 17.50 -27.37 -0.33
C ALA B 248 18.47 -26.90 0.76
N ARG B 249 18.15 -25.84 1.52
CA ARG B 249 19.11 -25.31 2.53
C ARG B 249 18.92 -25.94 3.92
N GLY B 250 17.98 -26.87 4.11
CA GLY B 250 17.72 -27.49 5.44
C GLY B 250 17.08 -26.51 6.43
N ALA B 251 16.22 -25.59 5.96
CA ALA B 251 15.52 -24.62 6.81
C ALA B 251 14.60 -25.38 7.76
N ARG B 252 14.45 -24.87 8.98
CA ARG B 252 13.38 -25.27 9.93
C ARG B 252 12.08 -24.64 9.42
N ILE B 253 11.08 -25.47 9.14
CA ILE B 253 9.77 -25.00 8.57
C ILE B 253 8.71 -24.99 9.69
N TYR B 254 8.11 -23.84 9.97
CA TYR B 254 7.07 -23.73 11.03
C TYR B 254 5.73 -24.29 10.53
N ALA B 255 5.36 -24.02 9.27
CA ALA B 255 4.04 -24.40 8.73
C ALA B 255 4.01 -24.05 7.26
N GLU B 256 2.99 -24.51 6.55
CA GLU B 256 2.79 -24.18 5.12
C GLU B 256 1.64 -23.18 5.02
N LEU B 257 1.80 -22.17 4.14
CA LEU B 257 0.75 -21.18 3.78
C LEU B 257 0.06 -21.73 2.54
N VAL B 258 -1.14 -22.30 2.69
CA VAL B 258 -1.84 -23.09 1.63
C VAL B 258 -2.97 -22.24 1.00
N GLY B 259 -3.42 -21.19 1.64
CA GLY B 259 -4.62 -20.46 1.17
C GLY B 259 -4.60 -18.98 1.50
N PHE B 260 -5.10 -18.19 0.56
CA PHE B 260 -5.27 -16.74 0.69
C PHE B 260 -6.54 -16.31 -0.03
N GLY B 261 -7.39 -15.58 0.69
CA GLY B 261 -8.62 -14.93 0.21
C GLY B 261 -8.54 -13.42 0.36
N MET B 262 -9.08 -12.73 -0.65
CA MET B 262 -9.42 -11.28 -0.66
C MET B 262 -10.86 -11.18 -1.16
N SER B 263 -11.59 -10.20 -0.69
CA SER B 263 -12.94 -9.84 -1.18
C SER B 263 -13.20 -8.42 -0.73
N GLY B 264 -14.01 -7.67 -1.48
CA GLY B 264 -14.63 -6.45 -1.01
C GLY B 264 -16.07 -6.69 -0.60
N ASP B 265 -16.49 -6.08 0.51
CA ASP B 265 -17.87 -6.06 1.04
C ASP B 265 -18.73 -5.29 0.03
N ALA B 266 -18.23 -4.14 -0.45
CA ALA B 266 -18.98 -3.13 -1.23
C ALA B 266 -20.27 -2.71 -0.48
N PHE B 267 -20.19 -2.55 0.85
CA PHE B 267 -21.35 -2.23 1.73
C PHE B 267 -21.27 -0.81 2.30
N HIS B 268 -20.22 -0.52 3.08
CA HIS B 268 -20.13 0.77 3.82
C HIS B 268 -18.68 1.19 4.09
N MET B 269 -18.44 2.50 4.28
CA MET B 269 -17.07 3.02 4.52
C MET B 269 -16.47 2.34 5.73
N THR B 270 -17.24 2.08 6.79
CA THR B 270 -16.68 1.68 8.11
C THR B 270 -17.44 0.55 8.79
N ALA B 271 -18.71 0.31 8.48
CA ALA B 271 -19.56 -0.69 9.15
C ALA B 271 -19.54 -1.98 8.34
N PRO B 272 -19.50 -3.14 9.01
CA PRO B 272 -19.70 -4.45 8.38
C PRO B 272 -21.14 -4.73 7.98
N PRO B 273 -21.44 -5.59 6.99
CA PRO B 273 -22.82 -6.05 6.82
C PRO B 273 -23.17 -6.99 7.99
N GLU B 274 -24.40 -6.93 8.51
CA GLU B 274 -24.82 -7.69 9.73
C GLU B 274 -24.64 -9.20 9.51
N ASP B 275 -24.85 -9.69 8.29
CA ASP B 275 -24.77 -11.14 7.94
C ASP B 275 -23.32 -11.58 7.66
N GLY B 276 -22.35 -10.68 7.67
CA GLY B 276 -20.93 -11.07 7.48
C GLY B 276 -20.68 -11.60 6.09
N ALA B 277 -21.45 -11.12 5.12
CA ALA B 277 -21.46 -11.59 3.72
C ALA B 277 -20.05 -11.49 3.11
N GLY B 278 -19.28 -10.44 3.40
CA GLY B 278 -17.97 -10.24 2.75
C GLY B 278 -16.89 -11.12 3.36
N ALA B 279 -16.93 -11.28 4.67
CA ALA B 279 -16.09 -12.23 5.43
C ALA B 279 -16.36 -13.66 4.94
N ALA B 280 -17.63 -14.01 4.72
CA ALA B 280 -18.03 -15.36 4.26
C ALA B 280 -17.47 -15.58 2.84
N ARG B 281 -17.64 -14.61 1.93
CA ARG B 281 -17.07 -14.76 0.56
C ARG B 281 -15.54 -14.94 0.66
N CYS B 282 -14.87 -14.12 1.48
CA CYS B 282 -13.40 -14.11 1.60
C CYS B 282 -12.91 -15.47 2.12
N MET B 283 -13.52 -16.00 3.19
CA MET B 283 -13.11 -17.31 3.76
C MET B 283 -13.31 -18.43 2.72
N LYS B 284 -14.44 -18.45 2.03
CA LYS B 284 -14.70 -19.48 0.99
C LYS B 284 -13.66 -19.39 -0.14
N ASN B 285 -13.26 -18.18 -0.55
CA ASN B 285 -12.21 -18.01 -1.59
C ASN B 285 -10.92 -18.67 -1.11
N ALA B 286 -10.54 -18.40 0.14
CA ALA B 286 -9.31 -18.90 0.79
C ALA B 286 -9.37 -20.43 0.89
N LEU B 287 -10.52 -21.01 1.22
CA LEU B 287 -10.62 -22.46 1.48
C LEU B 287 -10.52 -23.19 0.13
N ARG B 288 -11.13 -22.64 -0.92
CA ARG B 288 -11.02 -23.21 -2.30
C ARG B 288 -9.56 -23.06 -2.79
N ASP B 289 -8.92 -21.92 -2.53
CA ASP B 289 -7.50 -21.66 -2.92
C ASP B 289 -6.63 -22.73 -2.27
N ALA B 290 -6.97 -23.17 -1.05
CA ALA B 290 -6.18 -24.17 -0.30
C ALA B 290 -6.54 -25.62 -0.70
N GLY B 291 -7.53 -25.85 -1.57
CA GLY B 291 -7.96 -27.22 -1.97
C GLY B 291 -8.52 -28.00 -0.79
N LEU B 292 -9.21 -27.35 0.14
CA LEU B 292 -9.67 -27.98 1.41
C LEU B 292 -11.17 -28.24 1.41
N ASP B 293 -11.56 -29.19 2.25
CA ASP B 293 -12.94 -29.36 2.79
C ASP B 293 -13.03 -28.42 3.99
N PRO B 294 -14.06 -27.55 4.10
CA PRO B 294 -14.21 -26.63 5.22
C PRO B 294 -14.21 -27.37 6.57
N ARG B 295 -14.58 -28.67 6.59
CA ARG B 295 -14.53 -29.47 7.85
C ARG B 295 -13.09 -29.71 8.30
N GLN B 296 -12.07 -29.42 7.46
CA GLN B 296 -10.62 -29.56 7.82
C GLN B 296 -10.20 -28.44 8.79
N VAL B 297 -10.92 -27.31 8.84
CA VAL B 297 -10.49 -26.16 9.71
C VAL B 297 -10.68 -26.49 11.19
N ASP B 298 -9.59 -26.45 11.97
CA ASP B 298 -9.62 -26.79 13.42
C ASP B 298 -9.63 -25.52 14.26
N TYR B 299 -8.97 -24.46 13.79
CA TYR B 299 -8.79 -23.24 14.62
C TYR B 299 -8.93 -22.02 13.71
N ILE B 300 -9.71 -21.04 14.18
CA ILE B 300 -9.83 -19.70 13.55
C ILE B 300 -9.30 -18.63 14.52
N ASN B 301 -8.26 -17.90 14.14
CA ASN B 301 -7.91 -16.62 14.80
C ASN B 301 -8.82 -15.54 14.20
N ALA B 302 -9.80 -15.08 14.98
CA ALA B 302 -10.86 -14.15 14.52
C ALA B 302 -10.26 -12.77 14.32
N HIS B 303 -10.94 -11.91 13.57
CA HIS B 303 -10.64 -10.46 13.61
C HIS B 303 -11.00 -9.98 15.03
N GLY B 304 -12.23 -10.27 15.47
CA GLY B 304 -12.65 -10.18 16.88
C GLY B 304 -12.22 -8.87 17.55
N THR B 305 -12.70 -7.70 17.08
CA THR B 305 -12.22 -6.37 17.53
C THR B 305 -12.87 -5.90 18.85
N SER B 306 -13.94 -6.54 19.30
CA SER B 306 -14.68 -6.05 20.51
C SER B 306 -15.64 -4.90 20.16
N THR B 307 -16.01 -4.76 18.88
CA THR B 307 -17.07 -3.78 18.47
C THR B 307 -18.42 -4.48 18.50
N PRO B 308 -19.54 -3.76 18.78
CA PRO B 308 -20.87 -4.39 18.71
C PRO B 308 -21.18 -5.05 17.34
N ALA B 309 -20.98 -4.34 16.24
CA ALA B 309 -21.38 -4.83 14.89
C ALA B 309 -20.35 -5.87 14.40
N GLY B 310 -19.05 -5.63 14.57
CA GLY B 310 -17.99 -6.50 14.01
C GLY B 310 -18.04 -7.92 14.56
N ASP B 311 -18.12 -8.06 15.87
CA ASP B 311 -18.04 -9.38 16.54
C ASP B 311 -19.18 -10.27 16.05
N ILE B 312 -20.40 -9.73 15.90
CA ILE B 312 -21.58 -10.59 15.63
C ILE B 312 -21.61 -10.92 14.12
N ALA B 313 -21.23 -9.98 13.25
CA ALA B 313 -21.11 -10.20 11.79
C ALA B 313 -20.16 -11.38 11.51
N GLU B 314 -19.13 -11.53 12.34
CA GLU B 314 -18.09 -12.57 12.25
C GLU B 314 -18.64 -13.92 12.68
N ILE B 315 -19.41 -14.00 13.76
CA ILE B 315 -20.16 -15.25 14.12
C ILE B 315 -21.02 -15.68 12.92
N ALA B 316 -21.77 -14.73 12.37
CA ALA B 316 -22.73 -15.00 11.26
C ALA B 316 -21.96 -15.55 10.06
N ALA B 317 -20.80 -14.96 9.71
CA ALA B 317 -19.94 -15.41 8.58
C ALA B 317 -19.44 -16.83 8.84
N VAL B 318 -18.98 -17.12 10.06
CA VAL B 318 -18.44 -18.46 10.41
C VAL B 318 -19.56 -19.50 10.35
N LYS B 319 -20.75 -19.20 10.88
CA LYS B 319 -21.89 -20.16 10.85
C LYS B 319 -22.28 -20.47 9.39
N SER B 320 -22.33 -19.46 8.54
CA SER B 320 -22.70 -19.58 7.09
CA SER B 320 -22.69 -19.57 7.09
C SER B 320 -21.67 -20.45 6.34
N VAL B 321 -20.38 -20.18 6.54
CA VAL B 321 -19.31 -20.94 5.85
C VAL B 321 -19.26 -22.39 6.36
N PHE B 322 -19.35 -22.63 7.67
CA PHE B 322 -18.97 -23.95 8.22
C PHE B 322 -20.18 -24.81 8.61
N GLY B 323 -21.40 -24.26 8.59
CA GLY B 323 -22.62 -24.99 9.01
C GLY B 323 -22.42 -25.72 10.33
N GLU B 324 -22.80 -27.00 10.41
CA GLU B 324 -22.69 -27.82 11.65
C GLU B 324 -21.23 -27.84 12.14
N HIS B 325 -20.24 -27.80 11.24
CA HIS B 325 -18.81 -27.87 11.64
C HIS B 325 -18.39 -26.61 12.44
N ALA B 326 -19.15 -25.52 12.37
CA ALA B 326 -18.90 -24.27 13.15
C ALA B 326 -18.97 -24.58 14.66
N HIS B 327 -19.62 -25.68 15.06
CA HIS B 327 -19.70 -26.18 16.46
C HIS B 327 -18.54 -27.11 16.84
N ALA B 328 -17.68 -27.54 15.92
CA ALA B 328 -16.56 -28.46 16.24
C ALA B 328 -15.19 -27.73 16.26
N LEU B 329 -15.00 -26.73 15.39
CA LEU B 329 -13.74 -25.92 15.38
C LEU B 329 -13.68 -25.04 16.63
N SER B 330 -12.53 -24.46 16.91
CA SER B 330 -12.35 -23.44 17.98
C SER B 330 -12.00 -22.12 17.29
N MET B 331 -12.62 -21.04 17.72
CA MET B 331 -12.34 -19.67 17.23
C MET B 331 -11.98 -18.79 18.42
N SER B 332 -10.90 -18.02 18.37
CA SER B 332 -10.62 -17.06 19.49
C SER B 332 -10.09 -15.74 18.96
N SER B 333 -10.23 -14.68 19.76
CA SER B 333 -9.68 -13.33 19.48
C SER B 333 -8.52 -13.04 20.43
N THR B 334 -7.30 -13.00 19.89
CA THR B 334 -6.08 -12.65 20.67
C THR B 334 -6.11 -11.14 20.99
N LYS B 335 -6.95 -10.37 20.29
CA LYS B 335 -7.21 -8.95 20.59
C LYS B 335 -7.77 -8.79 22.01
N SER B 336 -8.41 -9.82 22.57
CA SER B 336 -8.81 -9.83 24.00
C SER B 336 -7.62 -9.43 24.88
N MET B 337 -6.42 -9.86 24.52
CA MET B 337 -5.17 -9.63 25.29
C MET B 337 -4.33 -8.51 24.67
N THR B 338 -4.20 -8.47 23.34
CA THR B 338 -3.24 -7.55 22.65
C THR B 338 -3.88 -6.19 22.34
N GLY B 339 -5.21 -6.13 22.26
CA GLY B 339 -5.91 -5.02 21.60
C GLY B 339 -5.68 -5.10 20.10
N HIS B 340 -6.07 -4.07 19.38
CA HIS B 340 -6.16 -4.04 17.91
C HIS B 340 -4.93 -3.30 17.37
N LEU B 341 -3.97 -4.02 16.78
CA LEU B 341 -2.71 -3.42 16.26
C LEU B 341 -2.94 -2.85 14.85
N LEU B 342 -4.21 -2.79 14.45
CA LEU B 342 -4.60 -2.17 13.15
C LEU B 342 -3.83 -2.80 11.99
N GLY B 343 -3.05 -2.00 11.27
CA GLY B 343 -2.28 -2.51 10.12
C GLY B 343 -1.40 -3.69 10.49
N ALA B 344 -0.99 -3.79 11.75
CA ALA B 344 -0.11 -4.90 12.16
C ALA B 344 -0.92 -6.09 12.70
N ALA B 345 -2.23 -5.94 12.92
CA ALA B 345 -3.08 -6.95 13.59
C ALA B 345 -2.98 -8.29 12.85
N GLY B 346 -3.09 -8.24 11.53
CA GLY B 346 -3.03 -9.46 10.69
C GLY B 346 -1.67 -10.13 10.74
N ALA B 347 -0.61 -9.37 10.94
CA ALA B 347 0.79 -9.87 10.97
C ALA B 347 1.02 -10.62 12.30
N VAL B 348 0.78 -10.00 13.44
CA VAL B 348 0.94 -10.71 14.74
C VAL B 348 0.00 -11.91 14.81
N GLU B 349 -1.21 -11.80 14.25
CA GLU B 349 -2.23 -12.87 14.35
C GLU B 349 -1.90 -14.01 13.38
N ALA B 350 -1.23 -13.77 12.25
CA ALA B 350 -0.66 -14.87 11.40
C ALA B 350 0.36 -15.66 12.25
N ILE B 351 1.19 -14.96 12.99
CA ILE B 351 2.26 -15.61 13.80
C ILE B 351 1.57 -16.43 14.91
N PHE B 352 0.51 -15.90 15.53
CA PHE B 352 -0.23 -16.60 16.62
C PHE B 352 -0.90 -17.89 16.08
N SER B 353 -1.37 -17.88 14.84
CA SER B 353 -1.99 -19.04 14.14
C SER B 353 -0.92 -20.10 13.82
N VAL B 354 0.27 -19.66 13.40
CA VAL B 354 1.40 -20.59 13.10
C VAL B 354 1.82 -21.27 14.42
N LEU B 355 1.90 -20.53 15.52
CA LEU B 355 2.32 -21.09 16.83
C LEU B 355 1.23 -22.00 17.41
N ALA B 356 -0.06 -21.73 17.13
CA ALA B 356 -1.19 -22.62 17.49
C ALA B 356 -0.99 -23.97 16.79
N LEU B 357 -0.49 -23.96 15.54
CA LEU B 357 -0.15 -25.21 14.80
C LEU B 357 1.07 -25.90 15.44
N ARG B 358 2.17 -25.19 15.75
CA ARG B 358 3.39 -25.83 16.32
C ARG B 358 3.02 -26.50 17.65
N ASP B 359 2.29 -25.81 18.52
CA ASP B 359 2.15 -26.22 19.96
C ASP B 359 0.82 -26.93 20.19
N GLN B 360 -0.05 -27.02 19.18
CA GLN B 360 -1.37 -27.72 19.24
C GLN B 360 -2.21 -27.17 20.40
N VAL B 361 -2.36 -25.85 20.46
CA VAL B 361 -3.17 -25.17 21.51
C VAL B 361 -3.91 -23.98 20.90
N ALA B 362 -5.20 -23.83 21.20
CA ALA B 362 -6.00 -22.64 20.85
C ALA B 362 -5.81 -21.57 21.92
N PRO B 363 -5.32 -20.38 21.54
CA PRO B 363 -5.27 -19.24 22.46
C PRO B 363 -6.65 -18.84 22.97
N PRO B 364 -6.74 -18.29 24.20
CA PRO B 364 -8.02 -17.92 24.80
C PRO B 364 -8.55 -16.59 24.26
N THR B 365 -9.87 -16.44 24.32
CA THR B 365 -10.55 -15.12 24.32
C THR B 365 -10.75 -14.74 25.79
N ILE B 366 -9.90 -13.86 26.33
CA ILE B 366 -10.06 -13.45 27.77
C ILE B 366 -11.25 -12.49 27.84
N ASN B 367 -11.81 -12.29 29.04
CA ASN B 367 -12.85 -11.27 29.32
C ASN B 367 -14.23 -11.74 28.82
N LEU B 368 -14.36 -12.94 28.26
CA LEU B 368 -15.64 -13.37 27.65
C LEU B 368 -16.51 -13.93 28.79
N ASP B 369 -16.98 -13.04 29.66
CA ASP B 369 -17.72 -13.45 30.89
C ASP B 369 -19.17 -13.78 30.54
N ASN B 370 -19.79 -13.06 29.61
CA ASN B 370 -21.22 -13.22 29.27
C ASN B 370 -21.36 -13.15 27.76
N PRO B 371 -21.21 -14.27 27.04
CA PRO B 371 -21.33 -14.28 25.58
C PRO B 371 -22.67 -13.67 25.12
N ASP B 372 -22.63 -12.89 24.04
CA ASP B 372 -23.84 -12.18 23.53
C ASP B 372 -24.77 -13.20 22.84
N GLU B 373 -25.99 -12.74 22.52
CA GLU B 373 -27.03 -13.52 21.81
C GLU B 373 -26.43 -14.07 20.51
N GLY B 374 -26.50 -15.39 20.32
CA GLY B 374 -26.04 -16.08 19.09
C GLY B 374 -24.52 -16.38 19.09
N CYS B 375 -23.78 -15.96 20.12
CA CYS B 375 -22.32 -16.22 20.29
C CYS B 375 -22.14 -17.55 21.04
N ASP B 376 -22.59 -18.66 20.44
CA ASP B 376 -22.69 -19.99 21.11
C ASP B 376 -21.71 -21.00 20.49
N LEU B 377 -20.68 -20.51 19.78
CA LEU B 377 -19.58 -21.37 19.26
C LEU B 377 -18.57 -21.66 20.38
N ASP B 378 -17.61 -22.56 20.17
CA ASP B 378 -16.42 -22.66 21.07
C ASP B 378 -15.53 -21.43 20.79
N LEU B 379 -15.61 -20.41 21.67
CA LEU B 379 -14.81 -19.16 21.54
C LEU B 379 -13.62 -19.16 22.51
N VAL B 380 -13.30 -20.31 23.09
CA VAL B 380 -12.13 -20.59 23.99
C VAL B 380 -12.11 -19.54 25.11
N ALA B 381 -13.24 -19.35 25.79
CA ALA B 381 -13.40 -18.35 26.87
C ALA B 381 -12.37 -18.60 27.96
N HIS B 382 -11.66 -17.54 28.34
CA HIS B 382 -10.89 -17.37 29.60
C HIS B 382 -9.51 -18.01 29.52
N GLU B 383 -9.36 -19.25 29.01
CA GLU B 383 -8.16 -20.10 29.19
C GLU B 383 -7.79 -20.86 27.92
N ALA B 384 -6.50 -20.99 27.68
CA ALA B 384 -5.96 -21.64 26.46
C ALA B 384 -6.50 -23.07 26.44
N LYS B 385 -6.70 -23.63 25.25
CA LYS B 385 -7.24 -25.01 25.14
C LYS B 385 -6.38 -25.86 24.22
N PRO B 386 -5.58 -26.80 24.77
CA PRO B 386 -4.88 -27.81 23.95
C PRO B 386 -5.92 -28.63 23.18
N ARG B 387 -5.67 -28.85 21.87
CA ARG B 387 -6.56 -29.63 20.98
C ARG B 387 -5.82 -29.92 19.67
N LYS B 388 -6.46 -30.72 18.81
CA LYS B 388 -5.87 -31.04 17.49
C LYS B 388 -6.04 -29.83 16.57
N ILE B 389 -4.95 -29.42 15.94
CA ILE B 389 -5.03 -28.31 14.94
C ILE B 389 -4.14 -28.70 13.77
N ASP B 390 -4.74 -29.11 12.65
CA ASP B 390 -3.98 -29.37 11.40
C ASP B 390 -4.09 -28.16 10.47
N VAL B 391 -5.23 -27.46 10.52
CA VAL B 391 -5.52 -26.28 9.65
C VAL B 391 -6.00 -25.12 10.52
N ALA B 392 -5.34 -23.97 10.38
CA ALA B 392 -5.66 -22.72 11.13
C ALA B 392 -5.90 -21.60 10.11
N LEU B 393 -6.97 -20.87 10.32
CA LEU B 393 -7.38 -19.73 9.46
C LEU B 393 -7.27 -18.43 10.29
N SER B 394 -6.75 -17.35 9.71
CA SER B 394 -6.67 -16.01 10.33
C SER B 394 -7.45 -15.02 9.45
N ASN B 395 -8.44 -14.34 10.04
CA ASN B 395 -9.27 -13.34 9.33
C ASN B 395 -8.89 -11.90 9.76
N SER B 396 -9.00 -10.96 8.83
CA SER B 396 -8.92 -9.48 9.03
C SER B 396 -9.99 -8.82 8.14
N PHE B 397 -10.69 -7.84 8.67
CA PHE B 397 -11.65 -6.98 7.94
C PHE B 397 -11.23 -5.53 8.16
N GLY B 398 -11.51 -4.64 7.22
CA GLY B 398 -11.08 -3.24 7.38
C GLY B 398 -12.08 -2.24 6.82
N PHE B 399 -11.90 -0.97 7.18
CA PHE B 399 -12.55 0.21 6.57
C PHE B 399 -12.45 0.10 5.05
N GLY B 400 -13.53 0.49 4.34
CA GLY B 400 -13.64 0.33 2.88
C GLY B 400 -14.21 -1.02 2.53
N GLY B 401 -14.52 -1.86 3.53
CA GLY B 401 -15.06 -3.22 3.36
C GLY B 401 -14.05 -4.20 2.76
N THR B 402 -12.78 -4.01 3.07
CA THR B 402 -11.66 -4.82 2.54
C THR B 402 -11.46 -6.02 3.48
N ASN B 403 -11.37 -7.24 2.92
CA ASN B 403 -11.36 -8.52 3.68
C ASN B 403 -10.12 -9.34 3.27
N GLY B 404 -9.53 -10.07 4.23
CA GLY B 404 -8.43 -11.00 3.95
C GLY B 404 -8.50 -12.24 4.83
N THR B 405 -8.20 -13.39 4.25
CA THR B 405 -8.08 -14.67 5.00
C THR B 405 -6.77 -15.40 4.64
N LEU B 406 -6.03 -15.84 5.64
CA LEU B 406 -4.88 -16.76 5.47
C LEU B 406 -5.22 -18.15 6.03
N VAL B 407 -4.90 -19.17 5.26
CA VAL B 407 -4.98 -20.58 5.70
C VAL B 407 -3.56 -21.16 5.82
N PHE B 408 -3.25 -21.69 6.99
CA PHE B 408 -1.97 -22.35 7.32
C PHE B 408 -2.27 -23.81 7.70
N ARG B 409 -1.35 -24.72 7.39
CA ARG B 409 -1.45 -26.11 7.89
C ARG B 409 -0.08 -26.61 8.31
N ARG B 410 -0.06 -27.67 9.12
CA ARG B 410 1.19 -28.35 9.53
C ARG B 410 1.91 -28.94 8.32
N PHE B 411 3.24 -28.95 8.36
CA PHE B 411 4.10 -29.49 7.27
C PHE B 411 4.97 -30.62 7.84
N ALA B 412 5.07 -31.78 7.17
CA ALA B 412 5.92 -32.95 7.54
C ALA B 412 7.32 -32.49 7.98
#